data_5KG9
#
_entry.id   5KG9
#
_cell.length_a   72.183
_cell.length_b   76.749
_cell.length_c   184.287
_cell.angle_alpha   90.00
_cell.angle_beta   90.00
_cell.angle_gamma   90.00
#
_symmetry.space_group_name_H-M   'P 21 21 21'
#
loop_
_entity.id
_entity.type
_entity.pdbx_description
1 polymer 'Antibody RE505-22 Fab heavy chain'
2 polymer 'Antibody RE505-22 Fab light chain'
3 water water
#
loop_
_entity_poly.entity_id
_entity_poly.type
_entity_poly.pdbx_seq_one_letter_code
_entity_poly.pdbx_strand_id
1 'polypeptide(L)'
;EVQLVESGGGLVQPGRALRLSCAASGFTFDDYAMHWVRQAPGKGLEWVSGISWNSGSRGYADSVKGRFTISRDNAKKSQY
LQMNSLRVEDTAFYYCARMNGTFDYWGQGTLVTVSLASTKGPSVFPLAPSSKSTSGGTAALGCLVKDYFPEPVTVSWNSG
ALTSGVHTFPAVLQSSGLYSLSSVVTVPSSSLGTQTYICNVNHKPSNTKVDKRVEPKSCDK
;
H,A
2 'polypeptide(L)'
;QLVLTQSSSASFSLGASAKLTCTLSSQHSTYTIEWYQQQPLKPPKFVMELRKDGSHNTGDGIPDRFSGSSSGADRYLSIS
NIQPEDEAIYICGVGDTIKEQFVYVFGGGTKVTVLGQPKAAPSVTLFPPSSEELQANKATLVCLISDFYPGAVTVAWKAD
SSPVKAGVETTTPSKQSNNKYAASSYLSLTPEQWKSHRSYSCQVTHEGSTVEKTVAPTECS
;
L,B
#
# COMPACT_ATOMS: atom_id res chain seq x y z
N VAL A 2 -24.98 7.89 7.04
CA VAL A 2 -23.63 8.05 6.50
C VAL A 2 -23.73 8.63 5.08
N GLN A 3 -24.89 9.20 4.77
CA GLN A 3 -25.14 9.72 3.43
C GLN A 3 -25.40 11.23 3.43
N LEU A 4 -25.30 11.83 2.23
CA LEU A 4 -25.57 13.24 2.03
C LEU A 4 -26.74 13.42 1.07
N VAL A 5 -27.55 14.46 1.29
CA VAL A 5 -28.73 14.69 0.47
C VAL A 5 -28.87 16.17 0.11
N GLU A 6 -28.92 16.47 -1.19
CA GLU A 6 -29.04 17.85 -1.66
C GLU A 6 -30.47 18.22 -2.06
N SER A 7 -30.72 19.53 -2.13
CA SER A 7 -32.00 20.06 -2.56
C SER A 7 -31.82 21.47 -3.13
N GLY A 8 -32.89 21.99 -3.72
CA GLY A 8 -32.88 23.37 -4.19
C GLY A 8 -32.66 23.51 -5.69
N GLY A 9 -32.25 22.43 -6.33
CA GLY A 9 -32.01 22.43 -7.76
C GLY A 9 -33.28 22.71 -8.54
N GLY A 10 -33.12 23.11 -9.80
CA GLY A 10 -34.25 23.41 -10.65
C GLY A 10 -33.89 24.34 -11.78
N LEU A 11 -34.90 24.79 -12.52
CA LEU A 11 -34.69 25.67 -13.66
C LEU A 11 -34.90 27.14 -13.29
N VAL A 12 -33.95 27.99 -13.66
CA VAL A 12 -34.05 29.42 -13.44
C VAL A 12 -33.60 30.21 -14.66
N GLN A 13 -34.16 31.40 -14.84
CA GLN A 13 -33.75 32.26 -15.95
C GLN A 13 -32.42 32.92 -15.65
N PRO A 14 -31.64 33.23 -16.70
CA PRO A 14 -30.34 33.91 -16.56
C PRO A 14 -30.44 35.23 -15.79
N GLY A 15 -29.58 35.39 -14.80
CA GLY A 15 -29.55 36.61 -14.02
C GLY A 15 -30.25 36.50 -12.68
N ARG A 16 -31.07 35.46 -12.52
CA ARG A 16 -31.83 35.27 -11.30
C ARG A 16 -31.04 34.46 -10.27
N ALA A 17 -31.69 34.15 -9.15
CA ALA A 17 -31.01 33.50 -8.03
C ALA A 17 -31.61 32.13 -7.70
N LEU A 18 -30.83 31.34 -6.96
CA LEU A 18 -31.25 30.01 -6.55
C LEU A 18 -30.44 29.54 -5.35
N ARG A 19 -31.09 28.90 -4.40
CA ARG A 19 -30.42 28.42 -3.19
C ARG A 19 -30.37 26.91 -3.11
N LEU A 20 -29.18 26.36 -2.86
CA LEU A 20 -29.01 24.92 -2.72
C LEU A 20 -28.74 24.53 -1.27
N SER A 21 -29.31 23.40 -0.85
CA SER A 21 -29.13 22.90 0.51
C SER A 21 -28.56 21.49 0.51
N CYS A 22 -27.99 21.08 1.63
CA CYS A 22 -27.41 19.74 1.75
C CYS A 22 -27.51 19.22 3.19
N ALA A 23 -28.38 18.25 3.41
CA ALA A 23 -28.58 17.68 4.73
C ALA A 23 -27.61 16.52 5.00
N ALA A 24 -26.98 16.54 6.18
CA ALA A 24 -26.01 15.52 6.55
C ALA A 24 -26.59 14.54 7.57
N SER A 25 -26.07 13.31 7.55
CA SER A 25 -26.52 12.26 8.46
C SER A 25 -25.48 11.15 8.55
N GLY A 26 -25.43 10.48 9.70
CA GLY A 26 -24.54 9.35 9.88
C GLY A 26 -23.17 9.69 10.43
N PHE A 27 -22.94 10.98 10.70
CA PHE A 27 -21.68 11.43 11.28
C PHE A 27 -21.88 12.79 11.97
N THR A 28 -20.87 13.24 12.70
CA THR A 28 -20.98 14.45 13.48
C THR A 28 -20.93 15.71 12.60
N PHE A 29 -20.89 16.88 13.24
CA PHE A 29 -21.10 18.14 12.54
C PHE A 29 -19.81 18.85 12.10
N ASP A 30 -19.05 19.34 13.07
CA ASP A 30 -17.88 20.18 12.80
C ASP A 30 -16.60 19.39 12.58
N ASP A 31 -16.73 18.14 12.17
CA ASP A 31 -15.58 17.28 11.96
C ASP A 31 -14.98 17.44 10.57
N TYR A 32 -15.75 18.03 9.65
CA TYR A 32 -15.29 18.17 8.27
C TYR A 32 -15.67 19.52 7.64
N ALA A 33 -14.88 19.94 6.67
CA ALA A 33 -15.24 21.07 5.81
C ALA A 33 -16.21 20.60 4.74
N MET A 34 -17.17 21.43 4.39
CA MET A 34 -18.16 21.07 3.39
C MET A 34 -17.90 21.80 2.07
N HIS A 35 -17.94 21.06 0.97
CA HIS A 35 -17.63 21.63 -0.33
C HIS A 35 -18.74 21.37 -1.35
N TRP A 36 -18.77 22.21 -2.39
CA TRP A 36 -19.67 21.99 -3.51
C TRP A 36 -18.87 21.77 -4.78
N VAL A 37 -19.14 20.67 -5.46
CA VAL A 37 -18.49 20.35 -6.71
C VAL A 37 -19.54 20.17 -7.79
N ARG A 38 -19.32 20.76 -8.95
CA ARG A 38 -20.29 20.64 -10.02
C ARG A 38 -19.72 19.94 -11.24
N GLN A 39 -20.61 19.49 -12.12
CA GLN A 39 -20.20 18.96 -13.41
C GLN A 39 -21.14 19.44 -14.50
N ALA A 40 -20.66 20.39 -15.30
CA ALA A 40 -21.42 20.89 -16.43
C ALA A 40 -21.44 19.85 -17.56
N PRO A 41 -22.49 19.86 -18.38
CA PRO A 41 -22.59 18.93 -19.51
C PRO A 41 -21.40 19.06 -20.46
N GLY A 42 -20.74 17.94 -20.75
CA GLY A 42 -19.63 17.92 -21.69
C GLY A 42 -18.27 18.17 -21.07
N LYS A 43 -18.25 18.65 -19.83
CA LYS A 43 -17.00 18.98 -19.16
C LYS A 43 -16.72 18.09 -17.95
N GLY A 44 -15.53 18.21 -17.39
CA GLY A 44 -15.15 17.43 -16.22
C GLY A 44 -15.60 18.06 -14.92
N LEU A 45 -15.24 17.44 -13.80
CA LEU A 45 -15.62 17.95 -12.49
C LEU A 45 -14.89 19.26 -12.18
N GLU A 46 -15.59 20.17 -11.50
CA GLU A 46 -15.03 21.46 -11.14
C GLU A 46 -15.39 21.85 -9.71
N TRP A 47 -14.39 22.15 -8.90
CA TRP A 47 -14.63 22.61 -7.54
C TRP A 47 -15.23 24.02 -7.56
N VAL A 48 -16.30 24.20 -6.76
CA VAL A 48 -17.03 25.46 -6.79
C VAL A 48 -16.74 26.30 -5.56
N SER A 49 -17.03 25.75 -4.39
CA SER A 49 -16.91 26.48 -3.14
C SER A 49 -16.67 25.53 -1.97
N GLY A 50 -16.10 26.08 -0.90
CA GLY A 50 -15.86 25.30 0.31
C GLY A 50 -15.85 26.17 1.55
N ILE A 51 -16.31 25.62 2.66
CA ILE A 51 -16.28 26.31 3.94
C ILE A 51 -15.71 25.40 5.02
N SER A 52 -14.86 25.96 5.88
CA SER A 52 -14.19 25.16 6.90
C SER A 52 -15.14 24.62 7.96
N TRP A 53 -14.60 23.85 8.90
CA TRP A 53 -15.41 23.20 9.93
C TRP A 53 -16.07 24.20 10.88
N ASN A 54 -15.42 25.35 11.06
CA ASN A 54 -15.91 26.37 11.98
C ASN A 54 -16.30 27.66 11.26
N SER A 55 -16.47 27.57 9.94
CA SER A 55 -16.76 28.73 9.09
C SER A 55 -15.69 29.80 9.21
N GLY A 56 -14.46 29.38 9.50
CA GLY A 56 -13.35 30.30 9.62
C GLY A 56 -12.83 30.74 8.26
N SER A 57 -12.57 29.75 7.39
CA SER A 57 -12.12 30.04 6.05
C SER A 57 -13.20 29.67 5.04
N ARG A 58 -13.31 30.48 3.98
CA ARG A 58 -14.26 30.19 2.91
C ARG A 58 -13.55 30.28 1.56
N GLY A 59 -13.83 29.32 0.69
CA GLY A 59 -13.21 29.28 -0.61
C GLY A 59 -14.21 29.47 -1.73
N TYR A 60 -13.76 30.10 -2.80
CA TYR A 60 -14.58 30.29 -3.99
C TYR A 60 -13.73 30.17 -5.24
N ALA A 61 -14.19 29.39 -6.20
CA ALA A 61 -13.53 29.32 -7.49
C ALA A 61 -13.56 30.70 -8.13
N ASP A 62 -12.55 31.01 -8.92
CA ASP A 62 -12.46 32.31 -9.56
C ASP A 62 -13.55 32.50 -10.60
N SER A 63 -14.22 31.41 -10.95
CA SER A 63 -15.32 31.43 -11.90
C SER A 63 -16.62 31.91 -11.25
N VAL A 64 -16.70 31.74 -9.93
CA VAL A 64 -17.89 32.13 -9.18
C VAL A 64 -17.55 33.18 -8.11
N LYS A 65 -16.47 33.93 -8.35
CA LYS A 65 -16.00 34.93 -7.41
C LYS A 65 -17.04 36.03 -7.17
N GLY A 66 -17.49 36.15 -5.92
CA GLY A 66 -18.42 37.20 -5.54
C GLY A 66 -19.88 36.85 -5.72
N ARG A 67 -20.18 36.16 -6.81
CA ARG A 67 -21.56 35.81 -7.15
C ARG A 67 -22.13 34.72 -6.25
N PHE A 68 -21.23 33.87 -5.74
CA PHE A 68 -21.65 32.76 -4.90
C PHE A 68 -21.37 33.04 -3.43
N THR A 69 -22.20 32.50 -2.55
CA THR A 69 -22.06 32.68 -1.12
C THR A 69 -22.31 31.38 -0.37
N ILE A 70 -21.30 30.91 0.36
CA ILE A 70 -21.42 29.65 1.09
C ILE A 70 -21.54 29.89 2.59
N SER A 71 -22.37 29.07 3.25
CA SER A 71 -22.57 29.18 4.69
C SER A 71 -22.91 27.82 5.29
N ARG A 72 -22.63 27.66 6.58
CA ARG A 72 -22.79 26.38 7.26
C ARG A 72 -23.74 26.46 8.46
N ASP A 73 -24.55 25.42 8.64
CA ASP A 73 -25.36 25.25 9.85
C ASP A 73 -24.98 23.96 10.56
N ASN A 74 -25.01 23.97 11.89
CA ASN A 74 -24.62 22.80 12.68
C ASN A 74 -25.78 22.14 13.40
N ALA A 75 -26.89 22.86 13.54
CA ALA A 75 -28.07 22.33 14.21
C ALA A 75 -28.73 21.23 13.38
N LYS A 76 -29.19 21.59 12.18
CA LYS A 76 -29.82 20.63 11.28
C LYS A 76 -28.76 19.94 10.42
N LYS A 77 -27.49 20.27 10.69
CA LYS A 77 -26.36 19.70 9.96
C LYS A 77 -26.49 19.95 8.46
N SER A 78 -26.83 21.19 8.10
CA SER A 78 -27.04 21.53 6.71
C SER A 78 -26.09 22.64 6.24
N GLN A 79 -25.52 22.45 5.06
CA GLN A 79 -24.72 23.50 4.43
C GLN A 79 -25.52 24.11 3.29
N TYR A 80 -25.19 25.34 2.92
CA TYR A 80 -25.95 26.05 1.90
C TYR A 80 -25.06 26.76 0.89
N LEU A 81 -25.57 26.92 -0.32
CA LEU A 81 -24.86 27.65 -1.37
C LEU A 81 -25.80 28.65 -2.04
N GLN A 82 -25.55 29.94 -1.80
CA GLN A 82 -26.38 30.98 -2.40
C GLN A 82 -25.82 31.39 -3.75
N MET A 83 -26.61 31.17 -4.80
CA MET A 83 -26.16 31.43 -6.16
C MET A 83 -26.88 32.63 -6.75
N ASN A 84 -26.18 33.76 -6.80
CA ASN A 84 -26.72 34.97 -7.42
C ASN A 84 -26.03 35.23 -8.75
N SER A 85 -26.63 36.11 -9.56
CA SER A 85 -26.08 36.49 -10.86
C SER A 85 -25.82 35.27 -11.74
N LEU A 86 -26.73 34.30 -11.69
CA LEU A 86 -26.55 33.05 -12.40
C LEU A 86 -26.43 33.24 -13.90
N ARG A 87 -25.46 32.56 -14.50
CA ARG A 87 -25.28 32.57 -15.95
C ARG A 87 -25.59 31.19 -16.52
N VAL A 88 -25.72 31.10 -17.84
CA VAL A 88 -25.98 29.82 -18.51
C VAL A 88 -24.87 28.82 -18.21
N GLU A 89 -23.64 29.33 -18.07
CA GLU A 89 -22.49 28.48 -17.81
C GLU A 89 -22.55 27.79 -16.45
N ASP A 90 -23.45 28.25 -15.58
CA ASP A 90 -23.59 27.67 -14.25
C ASP A 90 -24.45 26.40 -14.31
N THR A 91 -25.03 26.11 -15.47
CA THR A 91 -25.79 24.87 -15.68
C THR A 91 -24.95 23.63 -15.44
N ALA A 92 -25.31 22.84 -14.44
CA ALA A 92 -24.54 21.67 -14.05
C ALA A 92 -25.26 20.80 -13.03
N PHE A 93 -24.75 19.59 -12.84
CA PHE A 93 -25.09 18.80 -11.66
C PHE A 93 -24.22 19.28 -10.51
N TYR A 94 -24.85 19.69 -9.41
CA TYR A 94 -24.10 20.17 -8.26
C TYR A 94 -24.08 19.12 -7.15
N TYR A 95 -22.88 18.72 -6.76
CA TYR A 95 -22.70 17.76 -5.68
C TYR A 95 -22.24 18.46 -4.40
N CYS A 96 -22.66 17.94 -3.25
CA CYS A 96 -22.06 18.34 -1.99
C CYS A 96 -21.20 17.19 -1.49
N ALA A 97 -20.08 17.51 -0.86
CA ALA A 97 -19.15 16.50 -0.41
C ALA A 97 -18.39 16.96 0.82
N ARG A 98 -18.10 16.03 1.74
CA ARG A 98 -17.33 16.35 2.93
C ARG A 98 -15.85 16.06 2.69
N MET A 99 -14.97 16.75 3.42
CA MET A 99 -13.53 16.61 3.21
C MET A 99 -12.71 16.80 4.48
N ASN A 100 -11.76 15.89 4.71
CA ASN A 100 -10.75 16.06 5.74
C ASN A 100 -9.37 15.86 5.12
N GLY A 101 -9.27 16.19 3.84
CA GLY A 101 -8.07 15.94 3.07
C GLY A 101 -8.46 15.42 1.70
N THR A 102 -9.51 14.61 1.66
CA THR A 102 -10.06 14.07 0.41
C THR A 102 -11.58 14.17 0.42
N PHE A 103 -12.18 14.27 -0.76
CA PHE A 103 -13.63 14.23 -0.85
C PHE A 103 -14.10 12.79 -0.73
N ASP A 104 -14.18 12.29 0.49
CA ASP A 104 -14.40 10.87 0.73
C ASP A 104 -15.86 10.43 0.61
N TYR A 105 -16.79 11.35 0.77
CA TYR A 105 -18.21 11.04 0.61
C TYR A 105 -18.96 12.11 -0.15
N TRP A 106 -19.76 11.68 -1.11
CA TRP A 106 -20.48 12.60 -1.99
C TRP A 106 -21.99 12.42 -1.87
N GLY A 107 -22.73 13.44 -2.26
CA GLY A 107 -24.19 13.36 -2.29
C GLY A 107 -24.64 12.88 -3.65
N GLN A 108 -25.94 12.66 -3.80
CA GLN A 108 -26.49 12.14 -5.05
C GLN A 108 -26.39 13.17 -6.17
N GLY A 109 -26.35 14.45 -5.80
CA GLY A 109 -26.27 15.52 -6.77
C GLY A 109 -27.63 16.06 -7.15
N THR A 110 -27.68 17.33 -7.52
CA THR A 110 -28.92 17.96 -7.94
C THR A 110 -28.67 18.81 -9.18
N LEU A 111 -29.61 18.78 -10.13
CA LEU A 111 -29.43 19.46 -11.40
C LEU A 111 -29.92 20.91 -11.34
N VAL A 112 -29.09 21.81 -11.82
CA VAL A 112 -29.46 23.21 -11.92
C VAL A 112 -29.38 23.66 -13.37
N THR A 113 -30.51 24.08 -13.92
CA THR A 113 -30.55 24.55 -15.29
C THR A 113 -30.75 26.06 -15.33
N VAL A 114 -29.81 26.75 -15.96
CA VAL A 114 -29.95 28.19 -16.18
C VAL A 114 -30.22 28.42 -17.66
N SER A 115 -31.43 28.83 -17.97
CA SER A 115 -31.85 28.90 -19.37
C SER A 115 -33.02 29.85 -19.59
N LEU A 116 -33.18 30.28 -20.84
CA LEU A 116 -34.33 31.08 -21.22
C LEU A 116 -35.50 30.19 -21.63
N ALA A 117 -35.25 28.88 -21.73
CA ALA A 117 -36.26 27.93 -22.16
C ALA A 117 -37.40 27.81 -21.15
N SER A 118 -38.61 27.59 -21.65
CA SER A 118 -39.77 27.45 -20.77
C SER A 118 -39.91 26.02 -20.26
N THR A 119 -40.30 25.90 -19.00
CA THR A 119 -40.58 24.61 -18.39
C THR A 119 -41.79 23.98 -19.06
N LYS A 120 -41.81 22.66 -19.17
CA LYS A 120 -42.99 21.96 -19.65
C LYS A 120 -43.23 20.68 -18.87
N GLY A 121 -44.44 20.57 -18.31
CA GLY A 121 -44.82 19.39 -17.55
C GLY A 121 -45.22 18.24 -18.44
N PRO A 122 -44.90 17.00 -18.02
CA PRO A 122 -45.19 15.80 -18.79
C PRO A 122 -46.65 15.37 -18.74
N SER A 123 -47.10 14.73 -19.80
CA SER A 123 -48.31 13.94 -19.74
C SER A 123 -47.92 12.55 -19.25
N VAL A 124 -48.74 11.96 -18.39
CA VAL A 124 -48.44 10.64 -17.86
C VAL A 124 -49.48 9.62 -18.29
N PHE A 125 -49.03 8.58 -19.01
CA PHE A 125 -49.92 7.56 -19.53
C PHE A 125 -49.57 6.17 -18.99
N PRO A 126 -50.59 5.43 -18.52
CA PRO A 126 -50.40 4.06 -18.06
C PRO A 126 -50.14 3.11 -19.24
N LEU A 127 -49.19 2.20 -19.05
CA LEU A 127 -48.91 1.15 -20.02
C LEU A 127 -49.46 -0.16 -19.47
N ALA A 128 -50.67 -0.51 -19.89
CA ALA A 128 -51.41 -1.61 -19.30
C ALA A 128 -50.83 -2.98 -19.65
N PRO A 129 -50.98 -3.95 -18.74
CA PRO A 129 -50.60 -5.34 -19.01
C PRO A 129 -51.44 -5.94 -20.13
N SER A 130 -50.79 -6.62 -21.08
CA SER A 130 -51.48 -7.20 -22.21
C SER A 130 -51.82 -8.68 -21.97
N SER A 131 -53.06 -9.04 -22.28
CA SER A 131 -53.53 -10.41 -22.08
C SER A 131 -53.14 -11.31 -23.26
N GLY A 136 -48.78 -15.85 -19.59
CA GLY A 136 -48.94 -15.77 -18.15
C GLY A 136 -47.64 -15.98 -17.39
N GLY A 137 -47.75 -16.11 -16.06
CA GLY A 137 -46.59 -16.27 -15.22
C GLY A 137 -46.03 -14.92 -14.80
N THR A 138 -45.58 -14.14 -15.77
CA THR A 138 -45.02 -12.83 -15.51
C THR A 138 -45.71 -11.78 -16.38
N ALA A 139 -45.89 -10.58 -15.85
CA ALA A 139 -46.52 -9.49 -16.58
C ALA A 139 -45.68 -8.22 -16.48
N ALA A 140 -45.68 -7.43 -17.55
CA ALA A 140 -45.03 -6.13 -17.53
C ALA A 140 -46.10 -5.06 -17.63
N LEU A 141 -45.94 -4.02 -16.81
CA LEU A 141 -46.80 -2.86 -16.86
C LEU A 141 -45.96 -1.63 -16.60
N GLY A 142 -46.48 -0.47 -16.98
CA GLY A 142 -45.69 0.72 -16.80
C GLY A 142 -46.38 2.06 -16.97
N CYS A 143 -45.57 3.11 -16.96
CA CYS A 143 -46.02 4.47 -17.18
C CYS A 143 -45.11 5.15 -18.20
N LEU A 144 -45.72 5.70 -19.24
CA LEU A 144 -45.02 6.56 -20.17
C LEU A 144 -45.08 7.99 -19.66
N VAL A 145 -43.92 8.62 -19.52
CA VAL A 145 -43.83 10.01 -19.10
C VAL A 145 -43.34 10.86 -20.27
N LYS A 146 -44.26 11.58 -20.90
CA LYS A 146 -44.00 12.15 -22.22
C LYS A 146 -43.87 13.68 -22.29
N ASP A 147 -42.91 14.15 -23.09
CA ASP A 147 -42.76 15.56 -23.47
C ASP A 147 -42.64 16.50 -22.28
N TYR A 148 -41.48 16.51 -21.65
CA TYR A 148 -41.26 17.42 -20.54
C TYR A 148 -39.90 18.08 -20.64
N PHE A 149 -39.73 19.15 -19.88
CA PHE A 149 -38.48 19.88 -19.82
C PHE A 149 -38.48 20.79 -18.60
N PRO A 150 -37.37 20.83 -17.86
CA PRO A 150 -36.18 20.02 -18.12
C PRO A 150 -36.16 18.74 -17.28
N GLU A 151 -35.03 18.04 -17.33
CA GLU A 151 -34.75 16.97 -16.39
C GLU A 151 -34.68 17.59 -15.00
N PRO A 152 -34.98 16.81 -13.95
CA PRO A 152 -35.39 15.41 -13.99
C PRO A 152 -36.86 15.21 -13.67
N VAL A 153 -37.36 14.00 -13.91
CA VAL A 153 -38.62 13.57 -13.31
C VAL A 153 -38.31 12.39 -12.41
N THR A 154 -39.06 12.27 -11.31
CA THR A 154 -38.92 11.09 -10.48
C THR A 154 -40.12 10.20 -10.68
N VAL A 155 -39.87 8.89 -10.79
CA VAL A 155 -40.92 7.92 -10.88
C VAL A 155 -40.79 6.94 -9.74
N SER A 156 -41.90 6.66 -9.07
CA SER A 156 -41.95 5.60 -8.10
C SER A 156 -43.22 4.81 -8.30
N TRP A 157 -43.37 3.74 -7.54
CA TRP A 157 -44.58 2.93 -7.63
C TRP A 157 -45.16 2.70 -6.25
N ASN A 158 -46.49 2.83 -6.15
CA ASN A 158 -47.21 2.67 -4.90
C ASN A 158 -46.62 3.47 -3.75
N SER A 159 -46.33 4.75 -4.01
CA SER A 159 -45.80 5.65 -2.99
C SER A 159 -44.52 5.11 -2.36
N GLY A 160 -43.68 4.47 -3.18
CA GLY A 160 -42.41 3.96 -2.71
C GLY A 160 -42.46 2.56 -2.11
N ALA A 161 -43.67 2.02 -1.97
CA ALA A 161 -43.83 0.70 -1.37
C ALA A 161 -43.40 -0.41 -2.34
N LEU A 162 -43.24 -0.05 -3.61
CA LEU A 162 -42.83 -1.03 -4.60
C LEU A 162 -41.54 -0.62 -5.30
N THR A 163 -40.52 -1.47 -5.18
CA THR A 163 -39.24 -1.23 -5.84
C THR A 163 -38.77 -2.49 -6.55
N SER A 164 -39.26 -3.65 -6.10
CA SER A 164 -38.89 -4.94 -6.67
C SER A 164 -39.41 -5.10 -8.10
N GLY A 165 -38.50 -5.29 -9.04
CA GLY A 165 -38.86 -5.48 -10.43
C GLY A 165 -39.08 -4.17 -11.17
N VAL A 166 -38.76 -3.05 -10.54
CA VAL A 166 -38.93 -1.76 -11.17
C VAL A 166 -37.72 -1.36 -12.00
N HIS A 167 -37.97 -1.01 -13.27
CA HIS A 167 -36.94 -0.50 -14.16
C HIS A 167 -37.42 0.80 -14.80
N THR A 168 -36.85 1.91 -14.34
CA THR A 168 -37.09 3.20 -14.98
C THR A 168 -35.98 3.46 -15.98
N PHE A 169 -36.35 3.68 -17.24
CA PHE A 169 -35.37 3.81 -18.33
C PHE A 169 -34.87 5.25 -18.45
N PRO A 170 -33.60 5.43 -18.83
CA PRO A 170 -33.06 6.75 -19.17
C PRO A 170 -33.93 7.47 -20.21
N ALA A 171 -34.08 8.77 -20.04
CA ALA A 171 -34.90 9.57 -20.94
C ALA A 171 -34.36 9.59 -22.38
N VAL A 172 -35.27 9.73 -23.34
CA VAL A 172 -34.85 10.08 -24.68
C VAL A 172 -35.02 11.59 -24.84
N LEU A 173 -34.06 12.22 -25.47
CA LEU A 173 -34.18 13.63 -25.81
C LEU A 173 -34.55 13.74 -27.28
N GLN A 174 -35.80 14.10 -27.55
CA GLN A 174 -36.35 14.05 -28.90
C GLN A 174 -35.91 15.26 -29.71
N SER A 175 -36.11 15.20 -31.02
CA SER A 175 -35.69 16.27 -31.92
C SER A 175 -36.42 17.57 -31.62
N SER A 176 -37.54 17.46 -30.89
CA SER A 176 -38.35 18.60 -30.49
C SER A 176 -37.73 19.39 -29.34
N GLY A 177 -36.73 18.79 -28.68
CA GLY A 177 -36.13 19.40 -27.52
C GLY A 177 -36.80 19.02 -26.20
N LEU A 178 -37.74 18.08 -26.26
CA LEU A 178 -38.44 17.64 -25.05
C LEU A 178 -38.04 16.22 -24.67
N TYR A 179 -38.11 15.92 -23.37
CA TYR A 179 -37.76 14.60 -22.87
C TYR A 179 -38.95 13.68 -22.73
N SER A 180 -38.66 12.39 -22.77
CA SER A 180 -39.70 11.38 -22.61
C SER A 180 -39.06 10.11 -22.04
N LEU A 181 -39.65 9.55 -20.99
CA LEU A 181 -39.13 8.30 -20.44
C LEU A 181 -40.24 7.30 -20.11
N SER A 182 -39.82 6.07 -19.79
CA SER A 182 -40.73 5.01 -19.41
C SER A 182 -40.23 4.33 -18.14
N SER A 183 -41.18 3.96 -17.28
CA SER A 183 -40.89 3.15 -16.11
C SER A 183 -41.75 1.90 -16.17
N VAL A 184 -41.14 0.73 -16.04
CA VAL A 184 -41.92 -0.50 -16.05
C VAL A 184 -41.63 -1.38 -14.87
N VAL A 185 -42.68 -2.02 -14.37
CA VAL A 185 -42.52 -3.04 -13.36
C VAL A 185 -42.81 -4.40 -13.96
N THR A 186 -42.00 -5.39 -13.60
CA THR A 186 -42.29 -6.74 -14.01
C THR A 186 -42.78 -7.52 -12.79
N VAL A 187 -44.01 -8.01 -12.86
CA VAL A 187 -44.66 -8.65 -11.72
C VAL A 187 -45.25 -10.01 -12.10
N PRO A 188 -45.49 -10.86 -11.10
CA PRO A 188 -46.17 -12.13 -11.39
C PRO A 188 -47.61 -11.87 -11.85
N SER A 189 -48.04 -12.60 -12.86
CA SER A 189 -49.38 -12.42 -13.42
C SER A 189 -50.49 -12.50 -12.36
N SER A 190 -50.32 -13.35 -11.36
CA SER A 190 -51.37 -13.56 -10.37
C SER A 190 -51.55 -12.33 -9.47
N SER A 191 -50.55 -11.46 -9.44
CA SER A 191 -50.63 -10.23 -8.65
C SER A 191 -51.55 -9.19 -9.26
N LEU A 192 -51.91 -9.36 -10.53
CA LEU A 192 -52.72 -8.37 -11.22
C LEU A 192 -54.11 -8.24 -10.58
N GLY A 193 -54.58 -9.29 -9.93
CA GLY A 193 -55.89 -9.29 -9.32
C GLY A 193 -55.90 -8.97 -7.83
N THR A 194 -54.73 -8.93 -7.21
CA THR A 194 -54.64 -8.71 -5.78
C THR A 194 -53.95 -7.38 -5.45
N GLN A 195 -53.10 -6.93 -6.37
CA GLN A 195 -52.27 -5.77 -6.12
C GLN A 195 -52.72 -4.55 -6.93
N THR A 196 -52.80 -3.41 -6.27
CA THR A 196 -53.02 -2.15 -6.97
C THR A 196 -51.68 -1.59 -7.41
N TYR A 197 -51.58 -1.19 -8.67
CA TYR A 197 -50.33 -0.61 -9.17
C TYR A 197 -50.49 0.87 -9.54
N ILE A 198 -49.76 1.72 -8.83
CA ILE A 198 -49.81 3.16 -9.05
C ILE A 198 -48.44 3.73 -9.37
N CYS A 199 -48.33 4.49 -10.45
CA CYS A 199 -47.08 5.19 -10.73
C CYS A 199 -47.14 6.63 -10.22
N ASN A 200 -46.15 6.99 -9.41
CA ASN A 200 -46.03 8.33 -8.87
C ASN A 200 -45.00 9.12 -9.65
N VAL A 201 -45.46 10.08 -10.43
CA VAL A 201 -44.55 10.87 -11.24
C VAL A 201 -44.46 12.28 -10.68
N ASN A 202 -43.24 12.73 -10.43
CA ASN A 202 -43.04 14.08 -9.96
C ASN A 202 -42.08 14.88 -10.84
N HIS A 203 -42.60 15.94 -11.45
CA HIS A 203 -41.77 16.88 -12.19
C HIS A 203 -41.83 18.23 -11.48
N LYS A 204 -40.87 18.46 -10.60
CA LYS A 204 -40.83 19.66 -9.76
C LYS A 204 -40.85 20.99 -10.53
N PRO A 205 -40.00 21.16 -11.55
CA PRO A 205 -39.97 22.47 -12.22
C PRO A 205 -41.31 22.95 -12.78
N SER A 206 -42.19 22.03 -13.16
CA SER A 206 -43.49 22.43 -13.69
C SER A 206 -44.61 22.22 -12.69
N ASN A 207 -44.25 21.93 -11.43
CA ASN A 207 -45.25 21.73 -10.37
C ASN A 207 -46.23 20.63 -10.78
N THR A 208 -45.68 19.55 -11.33
CA THR A 208 -46.51 18.46 -11.83
C THR A 208 -46.26 17.21 -10.99
N LYS A 209 -47.25 16.88 -10.16
CA LYS A 209 -47.18 15.72 -9.32
C LYS A 209 -48.42 14.88 -9.54
N VAL A 210 -48.23 13.69 -10.07
CA VAL A 210 -49.33 12.86 -10.55
C VAL A 210 -49.17 11.42 -10.07
N ASP A 211 -50.27 10.83 -9.64
CA ASP A 211 -50.30 9.42 -9.30
C ASP A 211 -51.30 8.71 -10.21
N LYS A 212 -50.78 7.96 -11.19
CA LYS A 212 -51.63 7.30 -12.17
C LYS A 212 -51.79 5.82 -11.92
N ARG A 213 -53.05 5.38 -11.89
CA ARG A 213 -53.38 3.98 -11.71
C ARG A 213 -53.20 3.21 -13.02
N VAL A 214 -52.52 2.07 -12.92
CA VAL A 214 -52.27 1.21 -14.09
C VAL A 214 -53.06 -0.08 -13.96
N GLU A 215 -54.03 -0.29 -14.86
CA GLU A 215 -54.94 -1.42 -14.74
C GLU A 215 -55.18 -2.12 -16.08
N PRO A 216 -55.31 -3.46 -16.07
CA PRO A 216 -55.72 -4.19 -17.27
C PRO A 216 -57.20 -3.98 -17.59
N GLN B 1 -2.21 26.63 -14.07
CA GLN B 1 -0.93 25.99 -14.34
C GLN B 1 -0.91 24.56 -13.81
N LEU B 2 -1.60 24.33 -12.69
CA LEU B 2 -1.73 22.98 -12.14
C LEU B 2 -2.61 22.13 -13.05
N VAL B 3 -1.99 21.12 -13.68
CA VAL B 3 -2.67 20.33 -14.70
C VAL B 3 -2.67 18.84 -14.39
N LEU B 4 -3.87 18.25 -14.42
CA LEU B 4 -4.01 16.81 -14.35
C LEU B 4 -4.45 16.27 -15.71
N THR B 5 -3.60 15.46 -16.34
CA THR B 5 -3.92 14.91 -17.64
C THR B 5 -4.00 13.38 -17.59
N GLN B 6 -5.16 12.86 -18.01
CA GLN B 6 -5.38 11.42 -18.08
C GLN B 6 -6.06 11.07 -19.40
N SER B 7 -5.92 9.82 -19.82
CA SER B 7 -6.51 9.36 -21.07
C SER B 7 -8.03 9.35 -20.98
N SER B 8 -8.70 9.39 -22.13
CA SER B 8 -10.16 9.46 -22.16
C SER B 8 -10.80 8.09 -22.00
N SER B 9 -10.22 7.08 -22.61
CA SER B 9 -10.78 5.74 -22.59
C SER B 9 -9.73 4.66 -22.48
N ALA B 10 -10.14 3.48 -22.00
CA ALA B 10 -9.25 2.33 -21.90
C ALA B 10 -10.07 1.05 -21.84
N SER B 11 -9.64 0.04 -22.61
CA SER B 11 -10.32 -1.25 -22.63
C SER B 11 -9.43 -2.36 -22.08
N PHE B 12 -10.03 -3.25 -21.28
CA PHE B 12 -9.29 -4.38 -20.72
C PHE B 12 -10.12 -5.66 -20.78
N SER B 13 -9.45 -6.79 -20.96
CA SER B 13 -10.14 -8.07 -20.96
C SER B 13 -10.55 -8.46 -19.55
N LEU B 14 -11.60 -9.28 -19.44
CA LEU B 14 -12.11 -9.71 -18.14
C LEU B 14 -11.08 -10.53 -17.38
N GLY B 15 -10.91 -10.22 -16.10
CA GLY B 15 -10.02 -10.96 -15.22
C GLY B 15 -8.55 -10.63 -15.38
N ALA B 16 -8.25 -9.60 -16.17
CA ALA B 16 -6.87 -9.19 -16.41
C ALA B 16 -6.48 -8.07 -15.46
N SER B 17 -5.21 -7.67 -15.52
CA SER B 17 -4.73 -6.55 -14.74
C SER B 17 -4.94 -5.26 -15.51
N ALA B 18 -5.35 -4.21 -14.79
CA ALA B 18 -5.62 -2.92 -15.42
C ALA B 18 -4.82 -1.81 -14.76
N LYS B 19 -4.30 -0.89 -15.57
CA LYS B 19 -3.54 0.25 -15.04
C LYS B 19 -4.02 1.55 -15.67
N LEU B 20 -4.41 2.50 -14.82
CA LEU B 20 -4.83 3.83 -15.28
C LEU B 20 -3.81 4.87 -14.87
N THR B 21 -3.50 5.78 -15.79
CA THR B 21 -2.45 6.75 -15.55
C THR B 21 -3.00 8.17 -15.38
N CYS B 22 -2.48 8.86 -14.37
CA CYS B 22 -2.77 10.27 -14.16
C CYS B 22 -1.45 11.01 -14.05
N THR B 23 -1.26 12.02 -14.89
CA THR B 23 0.01 12.73 -14.95
C THR B 23 -0.12 14.18 -14.47
N LEU B 24 0.65 14.53 -13.44
CA LEU B 24 0.66 15.91 -12.96
C LEU B 24 1.62 16.76 -13.76
N SER B 25 1.64 18.07 -13.45
CA SER B 25 2.58 18.99 -14.06
C SER B 25 4.00 18.67 -13.64
N SER B 26 4.97 19.32 -14.26
CA SER B 26 6.37 19.14 -13.87
C SER B 26 6.71 19.99 -12.65
N GLN B 27 5.99 21.10 -12.49
CA GLN B 27 6.16 21.95 -11.31
C GLN B 27 5.42 21.37 -10.12
N HIS B 28 4.63 20.32 -10.37
CA HIS B 28 3.81 19.71 -9.33
C HIS B 28 4.02 18.21 -9.26
N SER B 29 5.27 17.76 -9.37
CA SER B 29 5.60 16.35 -9.36
C SER B 29 5.60 15.77 -7.95
N THR B 30 5.44 16.64 -6.96
CA THR B 30 5.54 16.25 -5.56
C THR B 30 4.18 15.93 -4.96
N TYR B 31 3.13 16.41 -5.62
CA TYR B 31 1.80 16.47 -5.02
C TYR B 31 1.15 15.11 -4.77
N THR B 32 0.21 15.10 -3.82
CA THR B 32 -0.63 13.95 -3.56
C THR B 32 -1.93 14.07 -4.36
N ILE B 33 -2.35 12.97 -4.98
CA ILE B 33 -3.62 12.95 -5.69
C ILE B 33 -4.64 12.01 -5.06
N GLU B 34 -5.88 12.12 -5.50
CA GLU B 34 -6.93 11.20 -5.09
C GLU B 34 -7.60 10.59 -6.31
N TRP B 35 -8.08 9.36 -6.18
CA TRP B 35 -8.84 8.71 -7.25
C TRP B 35 -10.32 8.65 -6.90
N TYR B 36 -11.16 9.01 -7.86
CA TYR B 36 -12.60 8.93 -7.69
C TYR B 36 -13.20 8.04 -8.78
N GLN B 37 -14.28 7.34 -8.44
CA GLN B 37 -14.95 6.46 -9.38
C GLN B 37 -16.37 6.96 -9.65
N GLN B 38 -16.67 7.24 -10.91
CA GLN B 38 -17.97 7.80 -11.28
C GLN B 38 -18.80 6.80 -12.05
N GLN B 39 -19.81 6.25 -11.39
CA GLN B 39 -20.72 5.30 -12.02
C GLN B 39 -22.06 5.98 -12.24
N PRO B 40 -22.74 5.64 -13.35
CA PRO B 40 -24.04 6.24 -13.68
C PRO B 40 -25.07 6.08 -12.56
N LEU B 41 -25.99 7.04 -12.46
CA LEU B 41 -27.05 7.08 -11.43
C LEU B 41 -26.52 7.01 -10.00
N LYS B 42 -25.23 7.25 -9.82
CA LYS B 42 -24.59 7.15 -8.51
C LYS B 42 -23.72 8.35 -8.17
N PRO B 43 -23.59 8.67 -6.87
CA PRO B 43 -22.62 9.65 -6.41
C PRO B 43 -21.20 9.17 -6.67
N PRO B 44 -20.31 10.06 -7.14
CA PRO B 44 -18.90 9.70 -7.31
C PRO B 44 -18.32 9.16 -6.01
N LYS B 45 -17.62 8.04 -6.09
CA LYS B 45 -17.09 7.39 -4.89
C LYS B 45 -15.60 7.63 -4.74
N PHE B 46 -15.15 7.79 -3.51
CA PHE B 46 -13.74 7.94 -3.21
C PHE B 46 -13.05 6.59 -3.23
N VAL B 47 -12.08 6.44 -4.13
CA VAL B 47 -11.37 5.18 -4.28
C VAL B 47 -10.19 5.12 -3.31
N MET B 48 -9.19 5.98 -3.54
CA MET B 48 -8.02 6.00 -2.67
C MET B 48 -7.28 7.34 -2.72
N GLU B 49 -6.42 7.55 -1.73
CA GLU B 49 -5.52 8.69 -1.72
C GLU B 49 -4.10 8.20 -1.91
N LEU B 50 -3.38 8.79 -2.86
CA LEU B 50 -2.07 8.29 -3.25
C LEU B 50 -0.97 9.34 -3.10
N ARG B 51 -0.10 9.14 -2.12
CA ARG B 51 0.99 10.08 -1.86
C ARG B 51 2.23 9.76 -2.70
N LYS B 52 3.09 10.76 -2.87
CA LYS B 52 4.31 10.62 -3.65
C LYS B 52 5.22 9.51 -3.12
N ASP B 53 5.28 9.34 -1.80
CA ASP B 53 6.19 8.36 -1.20
C ASP B 53 5.71 6.92 -1.38
N GLY B 54 4.56 6.74 -2.01
CA GLY B 54 4.07 5.41 -2.33
C GLY B 54 3.00 4.90 -1.39
N SER B 55 2.80 5.61 -0.28
CA SER B 55 1.79 5.21 0.70
C SER B 55 0.39 5.54 0.19
N HIS B 56 -0.55 4.65 0.49
CA HIS B 56 -1.92 4.81 0.01
C HIS B 56 -2.94 4.22 0.98
N ASN B 57 -3.96 5.01 1.31
CA ASN B 57 -5.06 4.51 2.13
C ASN B 57 -6.35 4.43 1.31
N THR B 58 -6.83 3.21 1.12
CA THR B 58 -8.01 2.95 0.33
C THR B 58 -9.28 3.48 1.00
N GLY B 59 -10.35 3.62 0.22
CA GLY B 59 -11.60 4.16 0.73
C GLY B 59 -12.54 3.08 1.26
N ASP B 60 -13.55 3.52 2.00
CA ASP B 60 -14.50 2.60 2.62
C ASP B 60 -15.38 1.90 1.59
N GLY B 61 -15.19 0.59 1.44
CA GLY B 61 -15.98 -0.18 0.51
C GLY B 61 -15.27 -0.43 -0.81
N ILE B 62 -13.95 -0.34 -0.79
CA ILE B 62 -13.14 -0.55 -1.98
C ILE B 62 -12.40 -1.89 -1.91
N PRO B 63 -12.58 -2.75 -2.93
CA PRO B 63 -12.01 -4.10 -2.99
C PRO B 63 -10.49 -4.13 -2.86
N ASP B 64 -9.94 -5.30 -2.56
CA ASP B 64 -8.51 -5.48 -2.38
C ASP B 64 -7.76 -5.41 -3.72
N ARG B 65 -8.52 -5.50 -4.81
CA ARG B 65 -7.94 -5.52 -6.15
C ARG B 65 -7.38 -4.16 -6.57
N PHE B 66 -7.77 -3.11 -5.86
CA PHE B 66 -7.36 -1.76 -6.21
C PHE B 66 -6.02 -1.37 -5.58
N SER B 67 -5.10 -0.93 -6.42
CA SER B 67 -3.77 -0.52 -5.97
C SER B 67 -3.40 0.85 -6.52
N GLY B 68 -2.36 1.45 -5.94
CA GLY B 68 -1.89 2.75 -6.39
C GLY B 68 -0.37 2.86 -6.32
N SER B 69 0.22 3.55 -7.29
CA SER B 69 1.67 3.69 -7.35
C SER B 69 2.08 5.09 -7.79
N SER B 70 3.22 5.55 -7.28
CA SER B 70 3.77 6.84 -7.68
C SER B 70 5.08 6.66 -8.45
N SER B 71 5.17 7.30 -9.60
CA SER B 71 6.39 7.23 -10.42
C SER B 71 6.67 8.56 -11.10
N GLY B 72 7.67 9.27 -10.62
CA GLY B 72 8.04 10.56 -11.16
C GLY B 72 6.89 11.55 -11.06
N ALA B 73 6.29 11.86 -12.21
CA ALA B 73 5.13 12.75 -12.25
C ALA B 73 3.84 11.94 -12.44
N ASP B 74 4.00 10.63 -12.62
CA ASP B 74 2.85 9.76 -12.86
C ASP B 74 2.26 9.21 -11.56
N ARG B 75 0.95 9.04 -11.58
CA ARG B 75 0.23 8.38 -10.50
C ARG B 75 -0.67 7.32 -11.10
N TYR B 76 -0.57 6.09 -10.59
CA TYR B 76 -1.27 4.97 -11.19
C TYR B 76 -2.39 4.43 -10.34
N LEU B 77 -3.44 3.93 -11.01
CA LEU B 77 -4.50 3.19 -10.35
C LEU B 77 -4.52 1.79 -10.91
N SER B 78 -4.11 0.82 -10.10
CA SER B 78 -3.99 -0.56 -10.57
C SER B 78 -5.17 -1.41 -10.13
N ILE B 79 -5.68 -2.20 -11.06
CA ILE B 79 -6.76 -3.13 -10.78
C ILE B 79 -6.40 -4.52 -11.27
N SER B 80 -6.13 -5.43 -10.34
CA SER B 80 -5.85 -6.81 -10.70
C SER B 80 -7.15 -7.60 -10.73
N ASN B 81 -7.25 -8.55 -11.66
CA ASN B 81 -8.45 -9.37 -11.80
C ASN B 81 -9.69 -8.49 -11.99
N ILE B 82 -9.69 -7.69 -13.04
CA ILE B 82 -10.72 -6.67 -13.21
C ILE B 82 -12.09 -7.29 -13.48
N GLN B 83 -13.08 -6.84 -12.71
CA GLN B 83 -14.41 -7.42 -12.74
C GLN B 83 -15.38 -6.52 -13.52
N PRO B 84 -16.51 -7.09 -13.97
CA PRO B 84 -17.51 -6.31 -14.73
C PRO B 84 -17.98 -5.05 -14.00
N GLU B 85 -18.13 -5.13 -12.69
CA GLU B 85 -18.64 -4.01 -11.90
C GLU B 85 -17.60 -2.92 -11.68
N ASP B 86 -16.47 -3.04 -12.36
CA ASP B 86 -15.44 -2.00 -12.31
C ASP B 86 -15.52 -1.10 -13.53
N GLU B 87 -16.58 -1.26 -14.33
CA GLU B 87 -16.83 -0.38 -15.46
C GLU B 87 -17.33 0.98 -14.98
N ALA B 88 -16.47 1.99 -15.07
CA ALA B 88 -16.82 3.34 -14.62
C ALA B 88 -15.90 4.40 -15.21
N ILE B 89 -16.15 5.65 -14.84
CA ILE B 89 -15.24 6.74 -15.16
C ILE B 89 -14.36 7.01 -13.95
N TYR B 90 -13.06 6.79 -14.10
CA TYR B 90 -12.13 7.04 -13.00
C TYR B 90 -11.49 8.42 -13.13
N ILE B 91 -11.73 9.26 -12.13
CA ILE B 91 -11.31 10.65 -12.16
C ILE B 91 -10.27 10.92 -11.07
N CYS B 92 -9.13 11.48 -11.47
CA CYS B 92 -8.10 11.86 -10.50
C CYS B 92 -8.26 13.32 -10.09
N GLY B 93 -7.96 13.61 -8.83
CA GLY B 93 -8.06 14.97 -8.32
C GLY B 93 -6.81 15.35 -7.54
N VAL B 94 -6.51 16.63 -7.51
CA VAL B 94 -5.34 17.12 -6.77
C VAL B 94 -5.65 18.44 -6.08
N GLY B 95 -5.05 18.65 -4.91
CA GLY B 95 -5.25 19.88 -4.17
C GLY B 95 -3.97 20.67 -4.01
N ASP B 96 -4.10 21.96 -3.67
CA ASP B 96 -2.96 22.84 -3.48
C ASP B 96 -3.38 24.06 -2.66
N THR B 97 -2.42 24.92 -2.34
CA THR B 97 -2.71 26.14 -1.60
C THR B 97 -1.91 27.32 -2.13
N ILE B 98 -2.59 28.25 -2.79
CA ILE B 98 -1.99 29.51 -3.16
C ILE B 98 -2.70 30.62 -2.40
N LYS B 99 -1.92 31.50 -1.77
CA LYS B 99 -2.45 32.51 -0.84
C LYS B 99 -3.21 31.80 0.27
N GLU B 100 -4.38 32.33 0.61
CA GLU B 100 -5.32 31.64 1.48
C GLU B 100 -6.27 30.84 0.60
N GLN B 101 -6.25 31.16 -0.70
CA GLN B 101 -7.17 30.58 -1.66
C GLN B 101 -7.01 29.07 -1.82
N PHE B 102 -8.14 28.38 -1.83
CA PHE B 102 -8.19 26.94 -2.01
C PHE B 102 -8.21 26.59 -3.50
N VAL B 103 -7.45 25.57 -3.87
CA VAL B 103 -7.41 25.10 -5.26
C VAL B 103 -7.62 23.59 -5.34
N TYR B 104 -8.49 23.14 -6.23
CA TYR B 104 -8.68 21.71 -6.46
C TYR B 104 -9.03 21.40 -7.91
N VAL B 105 -8.13 20.70 -8.59
CA VAL B 105 -8.32 20.38 -10.00
C VAL B 105 -8.69 18.91 -10.20
N PHE B 106 -9.73 18.68 -10.99
CA PHE B 106 -10.10 17.33 -11.39
C PHE B 106 -9.60 17.05 -12.80
N GLY B 107 -9.16 15.82 -13.04
CA GLY B 107 -8.78 15.39 -14.37
C GLY B 107 -9.99 15.18 -15.25
N GLY B 108 -9.78 14.96 -16.54
CA GLY B 108 -10.85 14.81 -17.50
C GLY B 108 -11.68 13.55 -17.32
N GLY B 109 -11.12 12.57 -16.61
CA GLY B 109 -11.80 11.32 -16.38
C GLY B 109 -11.48 10.29 -17.45
N THR B 110 -11.33 9.04 -17.03
CA THR B 110 -11.06 7.95 -17.95
C THR B 110 -12.19 6.93 -17.93
N LYS B 111 -12.79 6.67 -19.08
CA LYS B 111 -13.84 5.67 -19.21
C LYS B 111 -13.24 4.29 -19.44
N VAL B 112 -13.40 3.41 -18.45
CA VAL B 112 -12.83 2.08 -18.53
C VAL B 112 -13.85 1.06 -19.00
N THR B 113 -13.48 0.30 -20.03
CA THR B 113 -14.36 -0.72 -20.60
C THR B 113 -13.86 -2.12 -20.26
N VAL B 114 -14.73 -2.95 -19.71
CA VAL B 114 -14.40 -4.33 -19.40
C VAL B 114 -14.97 -5.27 -20.46
N LEU B 115 -14.10 -5.88 -21.24
CA LEU B 115 -14.51 -6.76 -22.32
C LEU B 115 -14.50 -8.22 -21.88
N GLY B 116 -14.95 -9.11 -22.76
CA GLY B 116 -14.88 -10.53 -22.51
C GLY B 116 -15.97 -11.05 -21.59
N GLN B 117 -17.00 -10.25 -21.37
CA GLN B 117 -18.15 -10.68 -20.59
C GLN B 117 -19.02 -11.63 -21.41
N PRO B 118 -19.78 -12.49 -20.72
CA PRO B 118 -20.69 -13.42 -21.42
C PRO B 118 -21.73 -12.67 -22.27
N LYS B 119 -22.00 -13.20 -23.45
CA LYS B 119 -23.04 -12.63 -24.32
C LYS B 119 -24.41 -12.84 -23.67
N ALA B 120 -25.29 -11.86 -23.85
CA ALA B 120 -26.67 -11.99 -23.40
C ALA B 120 -27.60 -11.30 -24.40
N ALA B 121 -28.54 -12.07 -24.96
CA ALA B 121 -29.52 -11.53 -25.89
C ALA B 121 -30.51 -10.65 -25.12
N PRO B 122 -30.99 -9.58 -25.76
CA PRO B 122 -31.88 -8.62 -25.11
C PRO B 122 -33.27 -9.17 -24.80
N SER B 123 -33.85 -8.68 -23.71
CA SER B 123 -35.26 -8.90 -23.43
C SER B 123 -36.03 -7.72 -24.02
N VAL B 124 -37.18 -7.98 -24.62
CA VAL B 124 -37.92 -6.93 -25.31
C VAL B 124 -39.37 -6.86 -24.83
N THR B 125 -39.81 -5.67 -24.44
CA THR B 125 -41.21 -5.40 -24.12
C THR B 125 -41.74 -4.30 -25.04
N LEU B 126 -42.86 -4.57 -25.70
CA LEU B 126 -43.48 -3.59 -26.57
C LEU B 126 -44.89 -3.24 -26.08
N PHE B 127 -45.15 -1.94 -25.90
CA PHE B 127 -46.44 -1.47 -25.44
C PHE B 127 -47.19 -0.71 -26.54
N PRO B 128 -48.49 -0.98 -26.69
CA PRO B 128 -49.35 -0.21 -27.59
C PRO B 128 -49.59 1.20 -27.06
N PRO B 129 -50.12 2.10 -27.90
CA PRO B 129 -50.50 3.39 -27.33
C PRO B 129 -51.62 3.21 -26.33
N SER B 130 -51.62 4.01 -25.28
CA SER B 130 -52.64 3.92 -24.25
C SER B 130 -53.95 4.52 -24.75
N SER B 131 -55.04 4.18 -24.07
CA SER B 131 -56.36 4.67 -24.46
C SER B 131 -56.49 6.17 -24.20
N GLU B 132 -55.86 6.64 -23.13
CA GLU B 132 -55.91 8.06 -22.79
C GLU B 132 -55.14 8.90 -23.80
N GLU B 133 -54.01 8.37 -24.27
CA GLU B 133 -53.21 9.08 -25.25
C GLU B 133 -53.96 9.20 -26.57
N LEU B 134 -54.62 8.12 -26.98
CA LEU B 134 -55.42 8.12 -28.20
C LEU B 134 -56.55 9.15 -28.11
N GLN B 135 -57.08 9.35 -26.91
CA GLN B 135 -58.09 10.38 -26.67
C GLN B 135 -57.51 11.76 -26.95
N ALA B 136 -56.24 11.94 -26.61
CA ALA B 136 -55.56 13.22 -26.81
C ALA B 136 -55.03 13.36 -28.23
N ASN B 137 -55.58 12.56 -29.14
CA ASN B 137 -55.22 12.60 -30.57
C ASN B 137 -53.74 12.30 -30.81
N LYS B 138 -53.13 11.54 -29.90
CA LYS B 138 -51.74 11.14 -30.04
C LYS B 138 -51.59 9.62 -29.99
N ALA B 139 -50.46 9.13 -30.47
CA ALA B 139 -50.16 7.70 -30.44
C ALA B 139 -48.66 7.45 -30.44
N THR B 140 -48.18 6.82 -29.39
CA THR B 140 -46.77 6.47 -29.33
C THR B 140 -46.62 5.01 -28.95
N LEU B 141 -45.76 4.31 -29.67
CA LEU B 141 -45.42 2.94 -29.34
C LEU B 141 -44.14 2.96 -28.52
N VAL B 142 -44.05 2.07 -27.54
CA VAL B 142 -42.91 2.05 -26.64
C VAL B 142 -42.23 0.68 -26.67
N CYS B 143 -41.03 0.63 -27.22
CA CYS B 143 -40.25 -0.60 -27.23
C CYS B 143 -39.15 -0.52 -26.18
N LEU B 144 -39.25 -1.36 -25.15
CA LEU B 144 -38.24 -1.35 -24.08
C LEU B 144 -37.31 -2.56 -24.19
N ILE B 145 -36.01 -2.29 -24.22
CA ILE B 145 -34.99 -3.29 -24.47
C ILE B 145 -34.02 -3.35 -23.30
N SER B 146 -33.80 -4.54 -22.76
CA SER B 146 -32.98 -4.65 -21.55
C SER B 146 -32.18 -5.94 -21.47
N ASP B 147 -31.20 -5.94 -20.56
CA ASP B 147 -30.40 -7.11 -20.23
C ASP B 147 -29.60 -7.66 -21.40
N PHE B 148 -28.97 -6.77 -22.19
CA PHE B 148 -28.14 -7.24 -23.28
C PHE B 148 -26.68 -6.85 -23.09
N TYR B 149 -25.79 -7.69 -23.62
CA TYR B 149 -24.38 -7.40 -23.66
C TYR B 149 -23.77 -8.10 -24.88
N PRO B 150 -22.93 -7.38 -25.64
CA PRO B 150 -22.48 -6.00 -25.44
C PRO B 150 -23.57 -4.97 -25.69
N GLY B 151 -23.28 -3.71 -25.38
CA GLY B 151 -24.26 -2.65 -25.42
C GLY B 151 -24.41 -2.01 -26.79
N ALA B 152 -24.74 -2.82 -27.78
CA ALA B 152 -25.01 -2.32 -29.12
C ALA B 152 -26.16 -3.09 -29.74
N VAL B 153 -27.27 -2.40 -29.97
CA VAL B 153 -28.43 -3.01 -30.62
C VAL B 153 -28.87 -2.17 -31.80
N THR B 154 -29.59 -2.80 -32.72
CA THR B 154 -30.26 -2.09 -33.81
C THR B 154 -31.75 -2.32 -33.70
N VAL B 155 -32.52 -1.24 -33.77
CA VAL B 155 -33.98 -1.32 -33.69
C VAL B 155 -34.60 -0.97 -35.03
N ALA B 156 -35.50 -1.83 -35.49
CA ALA B 156 -36.23 -1.59 -36.72
C ALA B 156 -37.74 -1.70 -36.46
N TRP B 157 -38.47 -0.68 -36.89
CA TRP B 157 -39.92 -0.68 -36.73
C TRP B 157 -40.62 -1.08 -38.02
N LYS B 158 -41.67 -1.88 -37.89
CA LYS B 158 -42.44 -2.31 -39.06
C LYS B 158 -43.92 -2.03 -38.86
N ALA B 159 -44.59 -1.65 -39.95
CA ALA B 159 -46.05 -1.55 -39.97
C ALA B 159 -46.58 -2.53 -41.01
N ASP B 160 -47.20 -3.61 -40.54
CA ASP B 160 -47.64 -4.70 -41.42
C ASP B 160 -46.49 -5.18 -42.29
N SER B 161 -45.40 -5.60 -41.65
CA SER B 161 -44.21 -6.15 -42.32
C SER B 161 -43.51 -5.18 -43.29
N SER B 162 -43.79 -3.89 -43.18
CA SER B 162 -43.09 -2.89 -43.99
C SER B 162 -42.48 -1.81 -43.10
N PRO B 163 -41.15 -1.61 -43.23
CA PRO B 163 -40.33 -0.75 -42.37
C PRO B 163 -40.84 0.68 -42.20
N VAL B 164 -40.70 1.21 -40.98
CA VAL B 164 -41.06 2.59 -40.66
C VAL B 164 -39.85 3.29 -40.05
N LYS B 165 -39.54 4.48 -40.54
CA LYS B 165 -38.44 5.26 -39.98
C LYS B 165 -38.87 6.67 -39.66
N ALA B 166 -40.08 7.03 -40.10
CA ALA B 166 -40.58 8.40 -40.01
C ALA B 166 -40.48 9.05 -38.64
N GLY B 167 -41.11 8.45 -37.63
CA GLY B 167 -41.17 9.07 -36.31
C GLY B 167 -40.54 8.23 -35.21
N VAL B 168 -39.28 7.85 -35.41
CA VAL B 168 -38.60 6.97 -34.48
C VAL B 168 -37.53 7.71 -33.69
N GLU B 169 -37.57 7.56 -32.37
CA GLU B 169 -36.55 8.10 -31.47
C GLU B 169 -36.02 6.97 -30.60
N THR B 170 -34.70 6.81 -30.57
CA THR B 170 -34.08 5.71 -29.86
C THR B 170 -32.98 6.26 -28.95
N THR B 171 -32.86 5.70 -27.74
CA THR B 171 -31.81 6.12 -26.82
C THR B 171 -30.47 5.44 -27.10
N THR B 172 -29.41 5.97 -26.48
CA THR B 172 -28.14 5.28 -26.42
C THR B 172 -28.24 4.17 -25.37
N PRO B 173 -27.63 3.00 -25.64
CA PRO B 173 -27.57 1.97 -24.62
C PRO B 173 -26.92 2.47 -23.34
N SER B 174 -27.49 2.13 -22.18
CA SER B 174 -26.94 2.57 -20.91
C SER B 174 -26.79 1.42 -19.93
N LYS B 175 -25.77 1.50 -19.08
CA LYS B 175 -25.49 0.43 -18.13
C LYS B 175 -26.54 0.35 -17.02
N GLN B 176 -27.12 -0.84 -16.87
CA GLN B 176 -27.96 -1.15 -15.73
C GLN B 176 -27.07 -1.41 -14.53
N SER B 177 -27.68 -1.62 -13.37
CA SER B 177 -26.92 -1.87 -12.16
C SER B 177 -26.53 -3.33 -12.03
N ASN B 178 -26.85 -4.12 -13.06
CA ASN B 178 -26.48 -5.54 -13.08
C ASN B 178 -25.41 -5.79 -14.16
N ASN B 179 -24.80 -4.71 -14.62
CA ASN B 179 -23.69 -4.71 -15.59
C ASN B 179 -24.11 -5.07 -17.01
N LYS B 180 -25.41 -5.22 -17.24
CA LYS B 180 -25.93 -5.37 -18.59
C LYS B 180 -26.50 -4.04 -19.08
N TYR B 181 -26.90 -3.99 -20.35
CA TYR B 181 -27.31 -2.73 -20.96
C TYR B 181 -28.81 -2.65 -21.20
N ALA B 182 -29.31 -1.42 -21.23
CA ALA B 182 -30.71 -1.17 -21.57
C ALA B 182 -30.82 -0.06 -22.60
N ALA B 183 -31.98 0.00 -23.25
CA ALA B 183 -32.26 1.00 -24.27
C ALA B 183 -33.75 1.03 -24.52
N SER B 184 -34.23 2.11 -25.12
CA SER B 184 -35.64 2.22 -25.45
C SER B 184 -35.84 2.90 -26.80
N SER B 185 -36.97 2.62 -27.43
CA SER B 185 -37.27 3.17 -28.74
C SER B 185 -38.73 3.57 -28.77
N TYR B 186 -39.00 4.75 -29.30
CA TYR B 186 -40.35 5.26 -29.39
C TYR B 186 -40.72 5.49 -30.85
N LEU B 187 -41.86 4.96 -31.26
CA LEU B 187 -42.41 5.27 -32.55
C LEU B 187 -43.65 6.14 -32.34
N SER B 188 -43.63 7.33 -32.92
CA SER B 188 -44.78 8.22 -32.84
C SER B 188 -45.69 8.03 -34.04
N LEU B 189 -46.99 8.01 -33.77
CA LEU B 189 -47.98 7.85 -34.82
C LEU B 189 -49.16 8.77 -34.59
N THR B 190 -49.94 8.98 -35.64
CA THR B 190 -51.27 9.56 -35.50
C THR B 190 -52.19 8.40 -35.15
N PRO B 191 -53.33 8.68 -34.50
CA PRO B 191 -54.31 7.63 -34.24
C PRO B 191 -54.78 6.93 -35.52
N GLU B 192 -54.81 7.67 -36.62
CA GLU B 192 -55.24 7.12 -37.91
C GLU B 192 -54.32 6.00 -38.39
N GLN B 193 -53.03 6.31 -38.46
CA GLN B 193 -52.03 5.32 -38.87
C GLN B 193 -52.11 4.07 -38.01
N TRP B 194 -52.25 4.27 -36.70
CA TRP B 194 -52.30 3.17 -35.74
C TRP B 194 -53.50 2.27 -35.99
N LYS B 195 -54.64 2.87 -36.32
CA LYS B 195 -55.86 2.09 -36.57
C LYS B 195 -55.90 1.47 -37.96
N SER B 196 -55.31 2.14 -38.95
CA SER B 196 -55.37 1.72 -40.34
C SER B 196 -54.57 0.46 -40.65
N HIS B 197 -53.76 0.01 -39.68
CA HIS B 197 -52.94 -1.18 -39.88
C HIS B 197 -53.35 -2.32 -38.95
N ARG B 198 -52.95 -3.54 -39.30
CA ARG B 198 -53.30 -4.70 -38.50
C ARG B 198 -52.36 -4.86 -37.30
N SER B 199 -51.10 -4.48 -37.48
CA SER B 199 -50.13 -4.60 -36.40
C SER B 199 -48.89 -3.74 -36.62
N TYR B 200 -48.18 -3.48 -35.53
CA TYR B 200 -46.87 -2.84 -35.59
C TYR B 200 -45.87 -3.75 -34.89
N SER B 201 -44.61 -3.66 -35.31
CA SER B 201 -43.58 -4.53 -34.76
C SER B 201 -42.33 -3.75 -34.41
N CYS B 202 -41.71 -4.15 -33.30
CA CYS B 202 -40.40 -3.66 -32.92
C CYS B 202 -39.42 -4.82 -33.05
N GLN B 203 -38.39 -4.64 -33.87
CA GLN B 203 -37.43 -5.70 -34.13
C GLN B 203 -36.06 -5.28 -33.62
N VAL B 204 -35.50 -6.08 -32.72
CA VAL B 204 -34.23 -5.74 -32.12
C VAL B 204 -33.14 -6.70 -32.57
N THR B 205 -32.10 -6.15 -33.18
CA THR B 205 -30.98 -6.94 -33.65
C THR B 205 -29.79 -6.76 -32.72
N HIS B 206 -29.18 -7.88 -32.36
CA HIS B 206 -28.07 -7.85 -31.41
C HIS B 206 -27.11 -9.00 -31.71
N GLU B 207 -25.91 -8.64 -32.16
CA GLU B 207 -24.86 -9.61 -32.48
C GLU B 207 -25.34 -10.70 -33.43
N GLY B 208 -26.13 -10.30 -34.44
CA GLY B 208 -26.56 -11.24 -35.46
C GLY B 208 -27.86 -11.95 -35.17
N SER B 209 -28.36 -11.83 -33.94
CA SER B 209 -29.61 -12.47 -33.57
C SER B 209 -30.72 -11.44 -33.42
N THR B 210 -31.95 -11.88 -33.64
CA THR B 210 -33.06 -10.95 -33.69
C THR B 210 -34.20 -11.37 -32.76
N VAL B 211 -34.75 -10.39 -32.05
CA VAL B 211 -35.94 -10.57 -31.23
C VAL B 211 -36.99 -9.57 -31.67
N GLU B 212 -38.22 -10.03 -31.86
CA GLU B 212 -39.27 -9.16 -32.38
C GLU B 212 -40.55 -9.29 -31.57
N LYS B 213 -41.16 -8.16 -31.22
CA LYS B 213 -42.46 -8.15 -30.57
C LYS B 213 -43.46 -7.47 -31.49
N THR B 214 -44.70 -7.94 -31.44
CA THR B 214 -45.75 -7.40 -32.29
C THR B 214 -46.92 -6.94 -31.42
N VAL B 215 -47.57 -5.86 -31.84
CA VAL B 215 -48.67 -5.30 -31.09
C VAL B 215 -49.75 -4.86 -32.06
N ALA B 216 -51.01 -4.93 -31.63
CA ALA B 216 -52.13 -4.73 -32.54
C ALA B 216 -53.29 -3.98 -31.89
N PRO B 217 -54.00 -3.16 -32.67
CA PRO B 217 -55.14 -2.38 -32.17
C PRO B 217 -56.32 -3.25 -31.76
N THR B 218 -57.03 -2.84 -30.71
CA THR B 218 -58.21 -3.57 -30.24
C THR B 218 -59.34 -2.60 -29.89
N VAL C 2 9.82 -21.42 9.30
CA VAL C 2 10.79 -20.89 8.34
C VAL C 2 12.17 -20.72 8.97
N GLN C 3 13.05 -21.67 8.69
CA GLN C 3 14.40 -21.67 9.26
C GLN C 3 15.44 -22.15 8.25
N LEU C 4 16.46 -21.33 8.02
CA LEU C 4 17.58 -21.70 7.17
C LEU C 4 18.87 -21.70 8.00
N VAL C 5 19.42 -22.87 8.24
CA VAL C 5 20.61 -22.98 9.09
C VAL C 5 21.83 -23.50 8.33
N GLU C 6 22.91 -22.72 8.37
CA GLU C 6 24.14 -23.07 7.68
C GLU C 6 25.09 -23.84 8.59
N SER C 7 25.98 -24.62 7.97
CA SER C 7 26.96 -25.40 8.70
C SER C 7 28.20 -25.64 7.86
N GLY C 8 29.30 -26.03 8.50
CA GLY C 8 30.52 -26.38 7.79
C GLY C 8 31.57 -25.27 7.74
N GLY C 9 31.18 -24.07 8.17
CA GLY C 9 32.09 -22.95 8.17
C GLY C 9 33.27 -23.16 9.08
N GLY C 10 34.37 -22.45 8.83
CA GLY C 10 35.55 -22.56 9.65
C GLY C 10 36.82 -22.14 8.94
N LEU C 11 37.96 -22.55 9.49
CA LEU C 11 39.24 -22.18 8.92
C LEU C 11 39.73 -23.24 7.94
N VAL C 12 40.18 -22.79 6.78
CA VAL C 12 40.72 -23.68 5.77
C VAL C 12 41.90 -22.99 5.07
N GLN C 13 42.89 -23.76 4.63
CA GLN C 13 44.05 -23.20 3.96
C GLN C 13 43.75 -22.91 2.50
N PRO C 14 44.42 -21.91 1.91
CA PRO C 14 44.25 -21.56 0.49
C PRO C 14 44.55 -22.74 -0.42
N GLY C 15 43.75 -22.90 -1.48
CA GLY C 15 43.92 -23.99 -2.42
C GLY C 15 43.11 -25.23 -2.07
N ARG C 16 42.65 -25.31 -0.83
CA ARG C 16 41.94 -26.48 -0.34
C ARG C 16 40.42 -26.30 -0.39
N ALA C 17 39.68 -27.34 -0.02
CA ALA C 17 38.23 -27.32 -0.18
C ALA C 17 37.47 -27.31 1.14
N LEU C 18 36.23 -26.81 1.09
CA LEU C 18 35.34 -26.79 2.25
C LEU C 18 33.89 -26.99 1.81
N ARG C 19 33.15 -27.76 2.60
CA ARG C 19 31.76 -28.07 2.30
C ARG C 19 30.80 -27.26 3.17
N LEU C 20 29.82 -26.61 2.55
CA LEU C 20 28.84 -25.82 3.28
C LEU C 20 27.43 -26.41 3.18
N SER C 21 26.76 -26.56 4.32
CA SER C 21 25.40 -27.08 4.37
C SER C 21 24.38 -25.99 4.63
N CYS C 22 23.12 -26.28 4.33
CA CYS C 22 22.03 -25.34 4.58
C CYS C 22 20.72 -26.10 4.74
N ALA C 23 20.39 -26.43 5.99
CA ALA C 23 19.21 -27.22 6.28
C ALA C 23 17.95 -26.35 6.32
N ALA C 24 17.06 -26.56 5.36
CA ALA C 24 15.82 -25.80 5.29
C ALA C 24 14.69 -26.53 6.01
N SER C 25 14.06 -25.85 6.96
CA SER C 25 12.96 -26.45 7.73
C SER C 25 11.92 -25.40 8.09
N GLY C 26 10.74 -25.86 8.52
CA GLY C 26 9.67 -24.97 8.90
C GLY C 26 8.81 -24.52 7.73
N PHE C 27 9.16 -25.00 6.54
CA PHE C 27 8.43 -24.64 5.32
C PHE C 27 8.66 -25.68 4.23
N ASP C 31 10.60 -27.00 -3.50
CA ASP C 31 10.28 -25.90 -2.60
C ASP C 31 10.56 -24.54 -3.25
N TYR C 32 11.84 -24.18 -3.36
CA TYR C 32 12.25 -22.91 -3.95
C TYR C 32 13.59 -23.02 -4.67
N ALA C 33 14.16 -21.87 -5.02
CA ALA C 33 15.50 -21.82 -5.59
C ALA C 33 16.51 -21.39 -4.53
N MET C 34 17.32 -22.34 -4.07
CA MET C 34 18.31 -22.04 -3.03
C MET C 34 19.52 -21.33 -3.60
N HIS C 35 19.88 -20.20 -2.98
CA HIS C 35 21.03 -19.42 -3.42
C HIS C 35 22.05 -19.22 -2.31
N TRP C 36 23.20 -18.67 -2.68
CA TRP C 36 24.25 -18.35 -1.72
C TRP C 36 24.75 -16.92 -1.94
N VAL C 37 24.76 -16.14 -0.86
CA VAL C 37 25.28 -14.78 -0.90
C VAL C 37 26.37 -14.63 0.17
N ARG C 38 27.44 -13.92 -0.14
CA ARG C 38 28.52 -13.76 0.82
C ARG C 38 28.87 -12.30 1.07
N GLN C 39 29.47 -12.02 2.23
CA GLN C 39 29.92 -10.68 2.55
C GLN C 39 31.34 -10.67 3.10
N ALA C 40 32.30 -10.37 2.23
CA ALA C 40 33.69 -10.23 2.64
C ALA C 40 33.86 -9.01 3.55
N PRO C 41 34.89 -9.03 4.40
CA PRO C 41 35.14 -7.87 5.26
C PRO C 41 35.48 -6.62 4.45
N GLY C 42 34.74 -5.53 4.69
CA GLY C 42 34.98 -4.28 4.01
C GLY C 42 34.21 -4.12 2.71
N LYS C 43 33.64 -5.22 2.21
CA LYS C 43 32.90 -5.20 0.96
C LYS C 43 31.41 -5.34 1.17
N GLY C 44 30.63 -5.08 0.12
CA GLY C 44 29.19 -5.25 0.18
C GLY C 44 28.80 -6.67 -0.19
N LEU C 45 27.50 -6.96 -0.13
CA LEU C 45 27.01 -8.29 -0.46
C LEU C 45 27.35 -8.68 -1.89
N GLU C 46 27.54 -9.98 -2.10
CA GLU C 46 27.91 -10.51 -3.40
C GLU C 46 27.23 -11.84 -3.63
N TRP C 47 26.45 -11.95 -4.70
CA TRP C 47 25.83 -13.21 -5.06
C TRP C 47 26.88 -14.20 -5.53
N VAL C 48 26.75 -15.45 -5.11
CA VAL C 48 27.74 -16.47 -5.40
C VAL C 48 27.22 -17.57 -6.33
N SER C 49 26.27 -18.35 -5.83
CA SER C 49 25.77 -19.49 -6.58
C SER C 49 24.26 -19.67 -6.45
N GLY C 50 23.68 -20.50 -7.31
CA GLY C 50 22.25 -20.71 -7.31
C GLY C 50 21.84 -22.08 -7.84
N ILE C 51 20.66 -22.52 -7.40
CA ILE C 51 20.09 -23.80 -7.81
C ILE C 51 18.62 -23.58 -8.15
N SER C 52 17.94 -24.61 -8.66
CA SER C 52 16.53 -24.49 -9.00
C SER C 52 15.63 -25.32 -8.09
N TRP C 53 14.34 -25.36 -8.43
CA TRP C 53 13.36 -26.15 -7.69
C TRP C 53 13.78 -27.61 -7.61
N ASN C 54 14.08 -28.18 -8.77
CA ASN C 54 14.56 -29.55 -8.88
C ASN C 54 16.06 -29.56 -9.14
N SER C 55 16.42 -29.40 -10.41
CA SER C 55 17.82 -29.27 -10.82
C SER C 55 17.86 -28.79 -12.26
N GLY C 56 19.02 -28.96 -12.90
CA GLY C 56 19.20 -28.52 -14.27
C GLY C 56 19.66 -27.08 -14.37
N SER C 57 19.31 -26.28 -13.36
CA SER C 57 19.71 -24.88 -13.31
C SER C 57 20.68 -24.64 -12.18
N ARG C 58 21.96 -24.52 -12.53
CA ARG C 58 23.01 -24.24 -11.55
C ARG C 58 23.72 -22.93 -11.87
N GLY C 59 23.37 -21.89 -11.13
CA GLY C 59 23.98 -20.59 -11.32
C GLY C 59 25.26 -20.41 -10.54
N TYR C 60 26.24 -19.73 -11.13
CA TYR C 60 27.50 -19.45 -10.47
C TYR C 60 28.00 -18.06 -10.85
N ALA C 61 28.52 -17.31 -9.89
CA ALA C 61 29.14 -16.03 -10.19
C ALA C 61 30.40 -16.28 -11.00
N ASP C 62 30.77 -15.32 -11.85
CA ASP C 62 31.91 -15.51 -12.74
C ASP C 62 33.23 -15.46 -11.99
N SER C 63 33.20 -15.00 -10.75
CA SER C 63 34.42 -14.94 -9.93
C SER C 63 34.61 -16.22 -9.13
N VAL C 64 33.70 -17.18 -9.32
CA VAL C 64 33.81 -18.47 -8.65
C VAL C 64 33.48 -19.62 -9.61
N LYS C 65 33.45 -19.33 -10.91
CA LYS C 65 33.08 -20.32 -11.92
C LYS C 65 34.04 -21.51 -11.95
N GLY C 66 33.48 -22.72 -12.02
CA GLY C 66 34.29 -23.93 -12.10
C GLY C 66 34.99 -24.31 -10.80
N ARG C 67 34.89 -23.43 -9.80
CA ARG C 67 35.51 -23.67 -8.51
C ARG C 67 34.49 -24.09 -7.47
N PHE C 68 33.26 -23.60 -7.62
CA PHE C 68 32.18 -23.94 -6.70
C PHE C 68 31.20 -24.91 -7.37
N THR C 69 30.63 -25.79 -6.56
CA THR C 69 29.68 -26.78 -7.06
C THR C 69 28.47 -26.87 -6.15
N ILE C 70 27.35 -26.27 -6.56
CA ILE C 70 26.18 -26.22 -5.70
C ILE C 70 25.32 -27.48 -5.84
N SER C 71 25.29 -28.27 -4.77
CA SER C 71 24.45 -29.45 -4.72
C SER C 71 23.03 -29.03 -4.36
N ARG C 72 22.08 -29.94 -4.53
CA ARG C 72 20.68 -29.61 -4.27
C ARG C 72 20.04 -30.54 -3.23
N ASP C 73 19.81 -31.79 -3.64
CA ASP C 73 19.13 -32.78 -2.82
C ASP C 73 17.72 -32.32 -2.43
N SER C 78 17.89 -30.61 2.95
CA SER C 78 19.10 -29.78 3.00
C SER C 78 19.64 -29.49 1.60
N GLN C 79 20.41 -28.40 1.50
CA GLN C 79 21.12 -28.06 0.26
C GLN C 79 22.58 -27.76 0.58
N TYR C 80 23.45 -27.92 -0.40
CA TYR C 80 24.89 -27.87 -0.16
C TYR C 80 25.67 -27.04 -1.18
N LEU C 81 26.82 -26.51 -0.76
CA LEU C 81 27.72 -25.79 -1.67
C LEU C 81 29.15 -26.26 -1.49
N GLN C 82 29.70 -26.90 -2.51
CA GLN C 82 31.06 -27.39 -2.47
C GLN C 82 32.05 -26.35 -2.99
N MET C 83 32.94 -25.90 -2.12
CA MET C 83 33.90 -24.87 -2.47
C MET C 83 35.29 -25.48 -2.65
N ASN C 84 35.83 -25.38 -3.87
CA ASN C 84 37.13 -25.96 -4.16
C ASN C 84 38.17 -24.90 -4.50
N SER C 85 39.44 -25.24 -4.32
CA SER C 85 40.57 -24.36 -4.65
C SER C 85 40.35 -22.96 -4.11
N LEU C 86 40.19 -22.85 -2.79
CA LEU C 86 39.83 -21.60 -2.15
C LEU C 86 40.97 -20.57 -2.13
N ARG C 87 40.58 -19.30 -2.20
CA ARG C 87 41.52 -18.19 -2.15
C ARG C 87 41.21 -17.32 -0.93
N VAL C 88 42.20 -16.55 -0.47
CA VAL C 88 42.00 -15.69 0.69
C VAL C 88 40.89 -14.66 0.43
N GLU C 89 40.59 -14.42 -0.84
CA GLU C 89 39.51 -13.50 -1.22
C GLU C 89 38.13 -14.15 -1.08
N ASP C 90 38.11 -15.43 -0.73
CA ASP C 90 36.86 -16.12 -0.48
C ASP C 90 36.43 -16.00 0.98
N THR C 91 37.29 -15.40 1.79
CA THR C 91 36.99 -15.17 3.20
C THR C 91 35.77 -14.26 3.37
N ALA C 92 34.70 -14.80 3.92
CA ALA C 92 33.45 -14.04 4.09
C ALA C 92 32.48 -14.75 5.01
N PHE C 93 31.41 -14.05 5.40
CA PHE C 93 30.23 -14.69 5.95
C PHE C 93 29.43 -15.23 4.80
N TYR C 94 29.09 -16.51 4.84
CA TYR C 94 28.31 -17.11 3.77
C TYR C 94 26.86 -17.29 4.21
N TYR C 95 25.98 -16.53 3.56
CA TYR C 95 24.54 -16.61 3.80
C TYR C 95 23.84 -17.45 2.74
N CYS C 96 22.96 -18.34 3.17
CA CYS C 96 22.10 -19.02 2.22
C CYS C 96 20.72 -18.36 2.27
N ALA C 97 20.04 -18.33 1.12
CA ALA C 97 18.74 -17.67 1.04
C ALA C 97 17.88 -18.28 -0.06
N ARG C 98 16.58 -18.41 0.21
CA ARG C 98 15.67 -18.96 -0.80
C ARG C 98 15.11 -17.86 -1.71
N MET C 99 14.68 -18.25 -2.90
CA MET C 99 14.40 -17.30 -3.97
C MET C 99 12.95 -17.29 -4.44
N ASN C 100 12.76 -17.69 -5.69
CA ASN C 100 11.50 -17.53 -6.41
C ASN C 100 11.05 -16.07 -6.41
N GLY C 101 11.72 -15.26 -7.23
CA GLY C 101 11.39 -13.85 -7.35
C GLY C 101 12.35 -12.96 -6.58
N THR C 102 12.31 -13.08 -5.25
CA THR C 102 13.13 -12.25 -4.37
C THR C 102 13.78 -13.09 -3.27
N PHE C 103 14.89 -12.62 -2.73
CA PHE C 103 15.49 -13.24 -1.56
C PHE C 103 14.68 -12.90 -0.32
N ASP C 104 13.57 -13.60 -0.12
CA ASP C 104 12.65 -13.29 0.98
C ASP C 104 13.16 -13.75 2.35
N TYR C 105 13.79 -14.92 2.39
CA TYR C 105 14.29 -15.45 3.66
C TYR C 105 15.77 -15.81 3.59
N TRP C 106 16.50 -15.43 4.64
CA TRP C 106 17.94 -15.66 4.72
C TRP C 106 18.29 -16.44 5.99
N GLY C 107 19.47 -17.05 6.01
CA GLY C 107 19.96 -17.71 7.21
C GLY C 107 20.90 -16.80 7.98
N GLN C 108 21.30 -17.22 9.18
CA GLN C 108 22.20 -16.42 10.01
C GLN C 108 23.60 -16.29 9.44
N GLY C 109 23.94 -17.16 8.50
CA GLY C 109 25.23 -17.11 7.85
C GLY C 109 26.33 -17.75 8.67
N THR C 110 27.31 -18.31 7.99
CA THR C 110 28.44 -18.95 8.68
C THR C 110 29.75 -18.38 8.14
N LEU C 111 30.72 -18.25 9.03
CA LEU C 111 32.00 -17.65 8.66
C LEU C 111 32.92 -18.67 8.02
N VAL C 112 33.49 -18.31 6.87
CA VAL C 112 34.51 -19.12 6.23
C VAL C 112 35.79 -18.29 6.14
N THR C 113 36.85 -18.78 6.78
CA THR C 113 38.12 -18.08 6.77
C THR C 113 39.15 -18.85 5.95
N VAL C 114 39.71 -18.19 4.95
CA VAL C 114 40.75 -18.78 4.13
C VAL C 114 42.08 -18.12 4.45
N SER C 115 42.94 -18.85 5.16
CA SER C 115 44.21 -18.28 5.63
C SER C 115 45.24 -19.37 5.91
N LEU C 116 46.51 -18.99 5.93
CA LEU C 116 47.58 -19.91 6.29
C LEU C 116 47.86 -19.83 7.78
N ALA C 117 47.23 -18.86 8.45
CA ALA C 117 47.41 -18.69 9.89
C ALA C 117 46.99 -19.94 10.65
N SER C 118 47.68 -20.23 11.75
CA SER C 118 47.35 -21.39 12.58
C SER C 118 46.18 -21.09 13.49
N THR C 119 45.36 -22.10 13.78
CA THR C 119 44.28 -21.93 14.75
C THR C 119 44.86 -21.74 16.14
N LYS C 120 44.10 -21.09 17.01
CA LYS C 120 44.45 -21.05 18.42
C LYS C 120 43.19 -21.17 19.28
N GLY C 121 43.13 -22.23 20.08
CA GLY C 121 42.06 -22.41 21.05
C GLY C 121 42.23 -21.41 22.18
N PRO C 122 41.12 -20.97 22.78
CA PRO C 122 41.19 -19.96 23.83
C PRO C 122 41.42 -20.55 25.21
N SER C 123 41.99 -19.77 26.12
CA SER C 123 41.92 -20.11 27.53
C SER C 123 40.61 -19.56 28.06
N VAL C 124 39.95 -20.31 28.93
CA VAL C 124 38.66 -19.89 29.46
C VAL C 124 38.75 -19.66 30.97
N PHE C 125 38.59 -18.40 31.39
CA PHE C 125 38.71 -18.03 32.79
C PHE C 125 37.38 -17.55 33.35
N PRO C 126 36.98 -18.08 34.51
CA PRO C 126 35.74 -17.66 35.17
C PRO C 126 35.92 -16.26 35.76
N LEU C 127 34.88 -15.43 35.66
CA LEU C 127 34.91 -14.09 36.24
C LEU C 127 33.99 -14.03 37.45
N ALA C 128 34.56 -14.28 38.63
CA ALA C 128 33.80 -14.37 39.87
C ALA C 128 33.24 -13.01 40.29
N PRO C 129 32.05 -13.01 40.91
CA PRO C 129 31.40 -11.79 41.38
C PRO C 129 32.16 -11.10 42.50
N SER C 130 32.10 -9.77 42.51
CA SER C 130 32.67 -8.98 43.61
C SER C 130 31.82 -9.15 44.87
N SER C 131 32.45 -9.07 46.04
CA SER C 131 31.72 -9.19 47.29
C SER C 131 30.80 -7.98 47.47
N LYS C 132 31.12 -6.88 46.79
CA LYS C 132 30.29 -5.69 46.81
C LYS C 132 29.17 -5.76 45.77
N SER C 133 29.18 -6.83 44.97
CA SER C 133 28.13 -7.06 43.99
C SER C 133 27.18 -8.15 44.46
N GLY C 136 24.97 -6.74 46.37
CA GLY C 136 23.86 -6.10 47.03
C GLY C 136 22.58 -6.16 46.21
N GLY C 137 22.11 -7.37 45.93
CA GLY C 137 20.87 -7.55 45.20
C GLY C 137 21.05 -8.41 43.96
N THR C 138 21.76 -7.86 42.98
CA THR C 138 22.05 -8.58 41.74
C THR C 138 23.56 -8.78 41.61
N ALA C 139 23.96 -9.87 40.97
CA ALA C 139 25.37 -10.19 40.87
C ALA C 139 25.78 -10.50 39.44
N ALA C 140 26.81 -9.80 38.96
CA ALA C 140 27.33 -10.04 37.62
C ALA C 140 28.52 -10.98 37.69
N LEU C 141 28.36 -12.16 37.11
CA LEU C 141 29.48 -13.07 37.00
C LEU C 141 29.66 -13.42 35.53
N GLY C 142 30.85 -13.89 35.17
CA GLY C 142 31.13 -14.10 33.78
C GLY C 142 32.25 -15.05 33.41
N CYS C 143 32.61 -15.00 32.14
CA CYS C 143 33.57 -15.90 31.54
C CYS C 143 34.45 -15.14 30.54
N LEU C 144 35.75 -15.08 30.82
CA LEU C 144 36.70 -14.53 29.86
C LEU C 144 37.18 -15.62 28.90
N VAL C 145 36.96 -15.38 27.61
CA VAL C 145 37.40 -16.30 26.55
C VAL C 145 38.52 -15.63 25.78
N LYS C 146 39.76 -16.00 26.11
CA LYS C 146 40.91 -15.18 25.74
C LYS C 146 41.85 -15.79 24.70
N ASP C 147 42.25 -14.97 23.72
CA ASP C 147 43.29 -15.30 22.75
C ASP C 147 42.97 -16.51 21.88
N TYR C 148 42.02 -16.34 20.96
CA TYR C 148 41.71 -17.41 20.02
C TYR C 148 41.72 -16.91 18.57
N PHE C 149 41.85 -17.85 17.63
CA PHE C 149 41.73 -17.55 16.21
C PHE C 149 41.31 -18.81 15.47
N PRO C 150 40.36 -18.69 14.53
CA PRO C 150 39.62 -17.47 14.18
C PRO C 150 38.29 -17.37 14.93
N GLU C 151 37.47 -16.38 14.59
CA GLU C 151 36.07 -16.37 15.00
C GLU C 151 35.36 -17.58 14.39
N PRO C 152 34.21 -17.99 14.93
CA PRO C 152 33.53 -17.51 16.13
C PRO C 152 33.68 -18.45 17.32
N VAL C 153 33.24 -17.98 18.48
CA VAL C 153 33.14 -18.80 19.67
C VAL C 153 31.69 -18.72 20.15
N THR C 154 31.14 -19.86 20.57
CA THR C 154 29.79 -19.85 21.14
C THR C 154 29.88 -19.96 22.65
N VAL C 155 29.06 -19.17 23.34
CA VAL C 155 29.00 -19.22 24.79
C VAL C 155 27.56 -19.39 25.23
N SER C 156 27.32 -20.35 26.10
CA SER C 156 26.02 -20.49 26.75
C SER C 156 26.24 -20.68 28.23
N TRP C 157 25.16 -20.65 29.00
CA TRP C 157 25.26 -20.82 30.43
C TRP C 157 24.37 -21.97 30.88
N ASN C 158 24.91 -22.80 31.77
CA ASN C 158 24.20 -23.97 32.29
C ASN C 158 23.56 -24.80 31.18
N SER C 159 24.30 -24.97 30.08
CA SER C 159 23.87 -25.80 28.96
C SER C 159 22.51 -25.38 28.40
N GLY C 160 22.35 -24.08 28.18
CA GLY C 160 21.14 -23.54 27.56
C GLY C 160 20.03 -23.19 28.52
N ALA C 161 20.07 -23.77 29.72
CA ALA C 161 19.00 -23.59 30.70
C ALA C 161 18.92 -22.14 31.18
N LEU C 162 20.05 -21.46 31.23
CA LEU C 162 20.08 -20.08 31.70
C LEU C 162 20.28 -19.10 30.55
N THR C 163 19.26 -18.30 30.26
CA THR C 163 19.32 -17.33 29.16
C THR C 163 19.01 -15.91 29.62
N SER C 164 18.20 -15.78 30.68
CA SER C 164 17.83 -14.47 31.18
C SER C 164 19.00 -13.75 31.84
N GLY C 165 19.27 -12.54 31.40
CA GLY C 165 20.35 -11.74 31.95
C GLY C 165 21.70 -12.08 31.35
N VAL C 166 21.72 -12.83 30.25
CA VAL C 166 22.97 -13.18 29.59
C VAL C 166 23.34 -12.15 28.52
N HIS C 167 24.54 -11.59 28.64
CA HIS C 167 25.07 -10.66 27.63
C HIS C 167 26.44 -11.09 27.17
N THR C 168 26.53 -11.57 25.93
CA THR C 168 27.80 -11.93 25.35
C THR C 168 28.31 -10.76 24.51
N PHE C 169 29.46 -10.22 24.90
CA PHE C 169 30.01 -9.04 24.24
C PHE C 169 30.74 -9.42 22.97
N PRO C 170 30.68 -8.56 21.94
CA PRO C 170 31.46 -8.74 20.72
C PRO C 170 32.95 -8.85 21.03
N ALA C 171 33.65 -9.73 20.32
CA ALA C 171 35.06 -9.93 20.55
C ALA C 171 35.89 -8.70 20.22
N VAL C 172 37.04 -8.58 20.86
CA VAL C 172 38.02 -7.58 20.48
C VAL C 172 39.10 -8.28 19.64
N LEU C 173 39.43 -7.69 18.51
CA LEU C 173 40.59 -8.16 17.75
C LEU C 173 41.79 -7.39 18.24
N GLN C 174 42.68 -8.09 18.91
CA GLN C 174 43.88 -7.47 19.45
C GLN C 174 44.90 -7.24 18.35
N SER C 175 45.90 -6.40 18.63
CA SER C 175 46.94 -6.11 17.66
C SER C 175 47.81 -7.35 17.40
N SER C 176 47.68 -8.36 18.25
CA SER C 176 48.42 -9.61 18.09
C SER C 176 47.79 -10.52 17.05
N GLY C 177 46.61 -10.16 16.56
CA GLY C 177 45.90 -10.95 15.58
C GLY C 177 44.92 -11.94 16.19
N LEU C 178 44.84 -11.96 17.52
CA LEU C 178 43.98 -12.91 18.21
C LEU C 178 42.77 -12.23 18.84
N TYR C 179 41.70 -12.98 19.01
CA TYR C 179 40.46 -12.44 19.55
C TYR C 179 40.29 -12.75 21.03
N SER C 180 39.52 -11.91 21.71
CA SER C 180 39.07 -12.21 23.06
C SER C 180 37.64 -11.77 23.21
N LEU C 181 36.86 -12.50 24.00
CA LEU C 181 35.53 -12.02 24.33
C LEU C 181 35.20 -12.30 25.78
N SER C 182 34.12 -11.66 26.24
CA SER C 182 33.59 -11.89 27.59
C SER C 182 32.10 -12.14 27.51
N SER C 183 31.63 -13.06 28.35
CA SER C 183 30.22 -13.31 28.49
C SER C 183 29.87 -13.11 29.95
N VAL C 184 28.77 -12.42 30.21
CA VAL C 184 28.40 -12.09 31.57
C VAL C 184 26.93 -12.39 31.77
N VAL C 185 26.60 -12.95 32.93
CA VAL C 185 25.20 -13.18 33.27
C VAL C 185 24.87 -12.45 34.57
N THR C 186 23.68 -11.86 34.61
CA THR C 186 23.19 -11.18 35.80
C THR C 186 22.20 -12.08 36.52
N VAL C 187 22.46 -12.34 37.80
CA VAL C 187 21.63 -13.25 38.59
C VAL C 187 21.34 -12.69 39.97
N PRO C 188 20.24 -13.17 40.60
CA PRO C 188 20.00 -12.79 42.00
C PRO C 188 21.14 -13.26 42.89
N SER C 189 21.56 -12.40 43.82
CA SER C 189 22.70 -12.72 44.66
C SER C 189 22.39 -13.86 45.63
N SER C 190 21.11 -14.06 45.93
CA SER C 190 20.71 -15.12 46.86
C SER C 190 20.88 -16.50 46.24
N SER C 191 20.98 -16.54 44.91
CA SER C 191 21.15 -17.81 44.19
C SER C 191 22.61 -18.28 44.18
N LEU C 192 23.52 -17.40 44.57
CA LEU C 192 24.96 -17.70 44.53
C LEU C 192 25.33 -18.84 45.47
N GLY C 193 24.71 -18.87 46.65
CA GLY C 193 24.98 -19.91 47.62
C GLY C 193 24.61 -21.28 47.11
N THR C 194 23.48 -21.37 46.43
CA THR C 194 22.93 -22.65 45.99
C THR C 194 23.23 -22.98 44.53
N GLN C 195 22.78 -22.13 43.62
CA GLN C 195 22.79 -22.45 42.20
C GLN C 195 24.19 -22.41 41.59
N THR C 196 24.59 -23.52 40.98
CA THR C 196 25.87 -23.59 40.26
C THR C 196 25.75 -22.95 38.89
N TYR C 197 26.73 -22.12 38.54
CA TYR C 197 26.74 -21.48 37.24
C TYR C 197 27.94 -21.94 36.41
N ILE C 198 27.67 -22.30 35.16
CA ILE C 198 28.69 -22.86 34.29
C ILE C 198 28.62 -22.22 32.90
N CYS C 199 29.73 -21.67 32.44
CA CYS C 199 29.78 -21.16 31.08
C CYS C 199 30.31 -22.23 30.13
N ASN C 200 29.52 -22.53 29.11
CA ASN C 200 29.87 -23.53 28.12
C ASN C 200 30.46 -22.87 26.89
N VAL C 201 31.76 -23.02 26.72
CA VAL C 201 32.46 -22.35 25.63
C VAL C 201 32.87 -23.36 24.57
N ASN C 202 32.53 -23.09 23.32
CA ASN C 202 32.92 -23.96 22.22
C ASN C 202 33.61 -23.22 21.09
N HIS C 203 34.86 -23.60 20.81
CA HIS C 203 35.59 -23.06 19.68
C HIS C 203 35.92 -24.22 18.75
N LYS C 204 35.09 -24.38 17.72
CA LYS C 204 35.19 -25.53 16.82
C LYS C 204 36.52 -25.69 16.07
N PRO C 205 37.06 -24.59 15.46
CA PRO C 205 38.25 -24.76 14.64
C PRO C 205 39.47 -25.34 15.39
N SER C 206 39.47 -25.27 16.71
CA SER C 206 40.58 -25.76 17.50
C SER C 206 40.20 -26.95 18.37
N ASN C 207 39.02 -27.52 18.11
CA ASN C 207 38.51 -28.62 18.91
C ASN C 207 38.51 -28.28 20.41
N THR C 208 38.13 -27.05 20.71
CA THR C 208 38.13 -26.58 22.09
C THR C 208 36.69 -26.42 22.62
N LYS C 209 36.27 -27.37 23.43
CA LYS C 209 34.96 -27.33 24.07
C LYS C 209 35.13 -27.46 25.57
N VAL C 210 34.79 -26.39 26.29
CA VAL C 210 35.00 -26.32 27.73
C VAL C 210 33.73 -25.90 28.47
N ASP C 211 33.52 -26.49 29.64
CA ASP C 211 32.44 -26.08 30.53
C ASP C 211 33.03 -25.67 31.87
N LYS C 212 33.24 -24.36 32.02
CA LYS C 212 33.92 -23.80 33.19
C LYS C 212 32.94 -23.42 34.29
N ARG C 213 33.15 -23.96 35.48
CA ARG C 213 32.33 -23.58 36.62
C ARG C 213 32.78 -22.25 37.20
N VAL C 214 31.84 -21.32 37.36
CA VAL C 214 32.15 -20.04 37.99
C VAL C 214 31.63 -20.00 39.43
N GLU C 215 32.52 -20.07 40.39
CA GLU C 215 32.13 -20.06 41.80
C GLU C 215 32.67 -18.82 42.53
N PRO C 216 31.99 -18.41 43.61
CA PRO C 216 32.46 -17.29 44.43
C PRO C 216 33.83 -17.55 45.07
N GLN D 1 26.66 -2.79 -18.19
CA GLN D 1 27.05 -3.11 -16.82
C GLN D 1 25.98 -2.67 -15.82
N LEU D 2 25.42 -3.64 -15.10
CA LEU D 2 24.38 -3.38 -14.13
C LEU D 2 24.98 -2.91 -12.81
N VAL D 3 24.66 -1.68 -12.42
CA VAL D 3 25.22 -1.08 -11.21
C VAL D 3 24.18 -0.26 -10.43
N LEU D 4 24.11 -0.52 -9.12
CA LEU D 4 23.28 0.27 -8.23
C LEU D 4 24.11 1.29 -7.47
N THR D 5 23.54 2.46 -7.21
CA THR D 5 24.25 3.50 -6.48
C THR D 5 23.39 4.10 -5.37
N GLN D 6 23.90 4.04 -4.14
CA GLN D 6 23.22 4.63 -2.99
C GLN D 6 24.22 5.26 -2.03
N SER D 7 23.76 6.25 -1.26
CA SER D 7 24.62 6.97 -0.33
C SER D 7 25.14 6.06 0.78
N SER D 8 26.29 6.42 1.36
CA SER D 8 26.91 5.61 2.40
C SER D 8 26.16 5.70 3.73
N SER D 9 25.73 6.90 4.07
CA SER D 9 25.06 7.13 5.36
C SER D 9 23.90 8.11 5.22
N ALA D 10 23.04 8.11 6.23
CA ALA D 10 21.89 9.00 6.29
C ALA D 10 21.42 9.12 7.73
N SER D 11 21.04 10.33 8.15
CA SER D 11 20.59 10.55 9.52
C SER D 11 19.23 11.22 9.56
N PHE D 12 18.36 10.75 10.45
CA PHE D 12 17.03 11.34 10.61
C PHE D 12 16.64 11.39 12.08
N SER D 13 16.02 12.51 12.49
CA SER D 13 15.49 12.62 13.83
C SER D 13 14.27 11.72 13.97
N LEU D 14 14.15 11.03 15.11
CA LEU D 14 13.10 10.05 15.30
C LEU D 14 11.72 10.70 15.23
N GLY D 15 10.80 10.06 14.52
CA GLY D 15 9.46 10.59 14.32
C GLY D 15 9.27 11.28 12.99
N ALA D 16 10.38 11.56 12.30
CA ALA D 16 10.33 12.26 11.02
C ALA D 16 10.28 11.29 9.84
N SER D 17 10.16 11.85 8.64
CA SER D 17 10.11 11.04 7.42
C SER D 17 11.50 10.86 6.82
N ALA D 18 11.78 9.65 6.33
CA ALA D 18 13.07 9.34 5.75
C ALA D 18 12.92 8.71 4.37
N LYS D 19 13.72 9.19 3.41
CA LYS D 19 13.68 8.67 2.05
C LYS D 19 15.06 8.17 1.63
N LEU D 20 15.16 6.87 1.35
CA LEU D 20 16.41 6.28 0.89
C LEU D 20 16.40 6.17 -0.63
N THR D 21 17.46 6.67 -1.27
CA THR D 21 17.53 6.67 -2.73
C THR D 21 18.48 5.58 -3.24
N CYS D 22 18.01 4.83 -4.24
CA CYS D 22 18.82 3.81 -4.90
C CYS D 22 18.75 3.98 -6.42
N THR D 23 19.73 4.68 -6.98
CA THR D 23 19.73 5.00 -8.39
C THR D 23 20.23 3.83 -9.24
N LEU D 24 19.44 3.46 -10.25
CA LEU D 24 19.83 2.43 -11.20
C LEU D 24 20.70 3.00 -12.31
N SER D 25 21.45 2.14 -12.98
CA SER D 25 22.19 2.56 -14.16
C SER D 25 21.17 2.92 -15.24
N SER D 26 21.50 3.92 -16.06
CA SER D 26 20.57 4.46 -17.04
C SER D 26 20.13 3.41 -18.07
N GLN D 27 20.88 2.32 -18.18
CA GLN D 27 20.57 1.25 -19.12
C GLN D 27 19.46 0.34 -18.61
N HIS D 28 19.41 0.13 -17.31
CA HIS D 28 18.42 -0.76 -16.70
C HIS D 28 17.43 0.01 -15.82
N SER D 29 17.02 1.18 -16.30
CA SER D 29 16.16 2.06 -15.52
C SER D 29 14.70 1.60 -15.49
N THR D 30 14.46 0.35 -15.89
CA THR D 30 13.11 -0.18 -15.95
C THR D 30 12.93 -1.45 -15.12
N TYR D 31 14.04 -2.14 -14.80
CA TYR D 31 13.96 -3.40 -14.08
C TYR D 31 13.56 -3.18 -12.62
N THR D 32 13.11 -4.25 -11.99
CA THR D 32 12.62 -4.20 -10.63
C THR D 32 13.73 -4.46 -9.62
N ILE D 33 13.77 -3.68 -8.54
CA ILE D 33 14.78 -3.86 -7.52
C ILE D 33 14.19 -4.39 -6.22
N GLU D 34 15.06 -4.84 -5.32
CA GLU D 34 14.65 -5.27 -3.99
C GLU D 34 15.31 -4.42 -2.93
N TRP D 35 14.65 -4.28 -1.80
CA TRP D 35 15.24 -3.59 -0.65
C TRP D 35 15.50 -4.57 0.47
N TYR D 36 16.68 -4.48 1.08
CA TYR D 36 17.03 -5.38 2.18
C TYR D 36 17.49 -4.60 3.40
N GLN D 37 17.16 -5.14 4.57
CA GLN D 37 17.49 -4.52 5.84
C GLN D 37 18.47 -5.40 6.60
N GLN D 38 19.68 -4.90 6.81
CA GLN D 38 20.71 -5.69 7.48
C GLN D 38 20.89 -5.24 8.93
N GLN D 39 20.46 -6.10 9.84
CA GLN D 39 20.57 -5.83 11.27
C GLN D 39 21.81 -6.51 11.83
N PRO D 40 22.43 -5.89 12.85
CA PRO D 40 23.58 -6.51 13.51
C PRO D 40 23.22 -7.83 14.19
N LEU D 41 24.07 -8.84 14.02
CA LEU D 41 23.91 -10.17 14.61
C LEU D 41 22.61 -10.85 14.16
N LYS D 42 22.06 -10.39 13.04
CA LYS D 42 20.83 -10.96 12.49
C LYS D 42 20.97 -11.20 10.99
N PRO D 43 20.28 -12.22 10.48
CA PRO D 43 20.22 -12.46 9.03
C PRO D 43 19.56 -11.29 8.31
N PRO D 44 20.11 -10.90 7.14
CA PRO D 44 19.52 -9.84 6.32
C PRO D 44 18.05 -10.11 6.02
N LYS D 45 17.22 -9.09 6.09
CA LYS D 45 15.77 -9.26 5.94
C LYS D 45 15.25 -8.61 4.66
N PHE D 46 14.27 -9.23 4.03
CA PHE D 46 13.65 -8.69 2.83
C PHE D 46 12.60 -7.65 3.18
N VAL D 47 12.72 -6.47 2.58
CA VAL D 47 11.82 -5.36 2.88
C VAL D 47 10.70 -5.24 1.86
N MET D 48 11.06 -4.96 0.61
CA MET D 48 10.07 -4.84 -0.45
C MET D 48 10.68 -5.02 -1.84
N GLU D 49 9.82 -5.41 -2.79
CA GLU D 49 10.19 -5.48 -4.19
C GLU D 49 9.54 -4.29 -4.91
N LEU D 50 10.37 -3.40 -5.43
CA LEU D 50 9.89 -2.13 -5.98
C LEU D 50 9.99 -2.06 -7.50
N ARG D 51 8.84 -2.02 -8.16
CA ARG D 51 8.79 -2.02 -9.62
C ARG D 51 9.00 -0.64 -10.22
N LYS D 52 9.10 -0.59 -11.55
CA LYS D 52 9.34 0.64 -12.30
C LYS D 52 8.23 1.68 -12.13
N ASP D 53 6.98 1.21 -12.13
CA ASP D 53 5.83 2.10 -12.03
C ASP D 53 5.59 2.61 -10.61
N GLY D 54 6.33 2.06 -9.65
CA GLY D 54 6.22 2.51 -8.27
C GLY D 54 5.50 1.53 -7.37
N SER D 55 4.87 0.51 -7.97
CA SER D 55 4.16 -0.51 -7.20
C SER D 55 5.15 -1.37 -6.44
N HIS D 56 4.78 -1.75 -5.22
CA HIS D 56 5.68 -2.53 -4.38
C HIS D 56 4.94 -3.61 -3.59
N ASN D 57 5.62 -4.74 -3.44
CA ASN D 57 5.12 -5.85 -2.64
C ASN D 57 6.06 -6.11 -1.47
N THR D 58 5.60 -5.80 -0.26
CA THR D 58 6.44 -5.91 0.93
C THR D 58 6.37 -7.31 1.55
N GLY D 59 7.43 -7.67 2.28
CA GLY D 59 7.49 -8.96 2.95
C GLY D 59 6.81 -8.93 4.30
N ASP D 60 6.91 -10.04 5.03
CA ASP D 60 6.28 -10.16 6.35
C ASP D 60 7.13 -9.48 7.43
N GLY D 61 6.48 -8.96 8.46
CA GLY D 61 7.18 -8.28 9.53
C GLY D 61 7.49 -6.83 9.19
N ILE D 62 7.22 -6.45 7.95
CA ILE D 62 7.42 -5.08 7.51
C ILE D 62 6.17 -4.27 7.75
N PRO D 63 6.28 -3.23 8.60
CA PRO D 63 5.12 -2.43 9.03
C PRO D 63 4.59 -1.50 7.93
N ASP D 64 3.48 -0.83 8.24
CA ASP D 64 2.83 0.10 7.33
C ASP D 64 3.72 1.28 6.95
N ARG D 65 4.65 1.62 7.83
CA ARG D 65 5.47 2.81 7.67
C ARG D 65 6.51 2.70 6.55
N PHE D 66 6.56 1.55 5.88
CA PHE D 66 7.46 1.36 4.76
C PHE D 66 6.71 1.39 3.44
N SER D 67 7.19 2.21 2.51
CA SER D 67 6.57 2.31 1.20
C SER D 67 7.61 2.62 0.14
N GLY D 68 7.31 2.28 -1.11
CA GLY D 68 8.24 2.48 -2.20
C GLY D 68 7.69 3.36 -3.31
N SER D 69 8.61 3.94 -4.08
CA SER D 69 8.25 4.79 -5.21
C SER D 69 9.42 4.86 -6.19
N SER D 70 9.15 5.27 -7.42
CA SER D 70 10.18 5.36 -8.44
C SER D 70 10.17 6.70 -9.15
N SER D 71 11.18 6.91 -10.01
CA SER D 71 11.30 8.11 -10.82
C SER D 71 12.44 7.91 -11.82
N GLY D 72 12.11 7.32 -12.97
CA GLY D 72 13.11 6.97 -13.95
C GLY D 72 13.96 5.81 -13.48
N ALA D 73 15.23 6.08 -13.19
CA ALA D 73 16.14 5.06 -12.69
C ALA D 73 16.17 5.03 -11.16
N ASP D 74 15.69 6.10 -10.54
CA ASP D 74 15.69 6.22 -9.09
C ASP D 74 14.63 5.35 -8.43
N ARG D 75 15.06 4.54 -7.46
CA ARG D 75 14.15 3.74 -6.65
C ARG D 75 14.21 4.22 -5.21
N TYR D 76 13.04 4.44 -4.60
CA TYR D 76 12.99 5.05 -3.28
C TYR D 76 12.41 4.12 -2.22
N LEU D 77 12.95 4.24 -1.02
CA LEU D 77 12.40 3.57 0.14
C LEU D 77 12.06 4.62 1.19
N SER D 78 10.77 4.86 1.39
CA SER D 78 10.33 5.91 2.31
C SER D 78 9.88 5.33 3.64
N ILE D 79 10.30 5.98 4.71
CA ILE D 79 9.93 5.56 6.06
C ILE D 79 9.27 6.72 6.80
N SER D 80 7.99 6.57 7.10
CA SER D 80 7.28 7.61 7.85
C SER D 80 7.35 7.30 9.34
N ASN D 81 7.45 8.36 10.15
CA ASN D 81 7.53 8.24 11.60
C ASN D 81 8.60 7.24 12.02
N ILE D 82 9.85 7.55 11.65
CA ILE D 82 10.95 6.60 11.80
C ILE D 82 11.25 6.31 13.28
N GLN D 83 11.44 5.04 13.58
CA GLN D 83 11.64 4.57 14.96
C GLN D 83 13.06 4.08 15.18
N PRO D 84 13.48 3.96 16.46
CA PRO D 84 14.84 3.47 16.76
C PRO D 84 15.17 2.11 16.16
N GLU D 85 14.18 1.24 16.00
CA GLU D 85 14.44 -0.10 15.46
C GLU D 85 14.54 -0.11 13.93
N ASP D 86 14.56 1.07 13.33
CA ASP D 86 14.79 1.20 11.90
C ASP D 86 16.26 1.56 11.64
N GLU D 87 17.02 1.66 12.72
CA GLU D 87 18.45 1.89 12.67
C GLU D 87 19.14 0.64 12.13
N ALA D 88 19.51 0.66 10.85
CA ALA D 88 20.12 -0.51 10.22
C ALA D 88 20.84 -0.19 8.91
N ILE D 89 21.40 -1.21 8.28
CA ILE D 89 21.99 -1.08 6.96
C ILE D 89 20.95 -1.46 5.90
N TYR D 90 20.67 -0.53 4.99
CA TYR D 90 19.70 -0.81 3.94
C TYR D 90 20.37 -1.05 2.60
N ILE D 91 20.10 -2.21 2.03
CA ILE D 91 20.74 -2.64 0.80
C ILE D 91 19.72 -2.85 -0.30
N CYS D 92 19.98 -2.26 -1.47
CA CYS D 92 19.13 -2.48 -2.63
C CYS D 92 19.80 -3.46 -3.59
N GLY D 93 18.99 -4.29 -4.23
CA GLY D 93 19.51 -5.28 -5.16
C GLY D 93 18.63 -5.46 -6.39
N VAL D 94 19.25 -5.82 -7.51
CA VAL D 94 18.51 -6.05 -8.75
C VAL D 94 19.06 -7.27 -9.49
N GLY D 95 18.16 -8.14 -9.94
CA GLY D 95 18.54 -9.34 -10.66
C GLY D 95 18.35 -9.21 -12.16
N ASP D 96 18.77 -10.23 -12.90
CA ASP D 96 18.66 -10.23 -14.36
C ASP D 96 18.83 -11.64 -14.92
N THR D 97 18.08 -11.96 -15.97
CA THR D 97 18.21 -13.25 -16.65
C THR D 97 18.96 -13.04 -17.96
N ILE D 98 20.03 -12.24 -17.91
CA ILE D 98 20.82 -11.91 -19.08
C ILE D 98 21.68 -13.09 -19.52
N LYS D 99 21.83 -13.25 -20.83
CA LYS D 99 22.66 -14.31 -21.44
C LYS D 99 22.13 -15.70 -21.09
N GLU D 100 22.17 -16.06 -19.81
CA GLU D 100 21.69 -17.38 -19.39
C GLU D 100 21.37 -17.44 -17.89
N GLN D 101 22.42 -17.46 -17.08
CA GLN D 101 22.30 -17.78 -15.66
C GLN D 101 21.69 -16.66 -14.82
N PHE D 102 21.41 -16.97 -13.56
CA PHE D 102 21.00 -15.98 -12.58
C PHE D 102 22.16 -15.02 -12.32
N VAL D 103 21.88 -13.73 -12.32
CA VAL D 103 22.88 -12.73 -11.94
C VAL D 103 22.20 -11.67 -11.05
N TYR D 104 22.91 -11.26 -9.99
CA TYR D 104 22.34 -10.36 -9.00
C TYR D 104 23.39 -9.38 -8.46
N VAL D 105 23.13 -8.09 -8.63
CA VAL D 105 24.01 -7.06 -8.13
C VAL D 105 23.45 -6.42 -6.85
N PHE D 106 24.30 -6.28 -5.83
CA PHE D 106 23.93 -5.59 -4.61
C PHE D 106 24.55 -4.20 -4.56
N GLY D 107 23.84 -3.26 -3.95
CA GLY D 107 24.38 -1.93 -3.73
C GLY D 107 25.32 -1.91 -2.54
N GLY D 108 26.08 -0.84 -2.38
CA GLY D 108 27.03 -0.71 -1.30
C GLY D 108 26.38 -0.75 0.07
N GLY D 109 25.18 -0.21 0.16
CA GLY D 109 24.44 -0.19 1.42
C GLY D 109 24.41 1.18 2.05
N THR D 110 23.33 1.47 2.77
CA THR D 110 23.18 2.75 3.44
C THR D 110 22.91 2.57 4.92
N LYS D 111 23.78 3.14 5.76
CA LYS D 111 23.59 3.06 7.21
C LYS D 111 22.71 4.21 7.67
N VAL D 112 21.58 3.87 8.27
CA VAL D 112 20.64 4.87 8.75
C VAL D 112 20.79 5.08 10.25
N THR D 113 20.99 6.34 10.65
CA THR D 113 21.09 6.70 12.06
C THR D 113 19.84 7.43 12.50
N VAL D 114 19.31 7.05 13.67
CA VAL D 114 18.11 7.67 14.19
C VAL D 114 18.43 8.61 15.36
N LEU D 115 18.38 9.90 15.09
CA LEU D 115 18.71 10.91 16.10
C LEU D 115 17.58 11.15 17.09
N GLY D 116 17.84 11.97 18.10
CA GLY D 116 16.81 12.42 19.01
C GLY D 116 16.37 11.42 20.06
N GLN D 117 17.05 10.27 20.12
CA GLN D 117 16.73 9.25 21.10
C GLN D 117 17.18 9.67 22.50
N PRO D 118 16.47 9.21 23.54
CA PRO D 118 16.80 9.55 24.93
C PRO D 118 18.17 9.06 25.37
N LYS D 119 18.96 9.95 25.97
CA LYS D 119 20.28 9.61 26.48
C LYS D 119 20.18 8.53 27.56
N ALA D 120 21.17 7.65 27.61
CA ALA D 120 21.26 6.64 28.65
C ALA D 120 22.71 6.43 29.05
N ALA D 121 23.01 6.72 30.31
CA ALA D 121 24.35 6.55 30.85
C ALA D 121 24.69 5.05 30.95
N PRO D 122 25.97 4.71 30.72
CA PRO D 122 26.41 3.31 30.66
C PRO D 122 26.49 2.59 32.01
N SER D 123 26.15 1.31 31.99
CA SER D 123 26.39 0.43 33.13
C SER D 123 27.78 -0.17 32.98
N VAL D 124 28.55 -0.16 34.07
CA VAL D 124 29.94 -0.62 34.02
C VAL D 124 30.21 -1.76 34.99
N THR D 125 30.73 -2.87 34.45
CA THR D 125 31.17 -3.99 35.26
C THR D 125 32.67 -4.21 35.07
N LEU D 126 33.41 -4.22 36.17
CA LEU D 126 34.86 -4.41 36.13
C LEU D 126 35.25 -5.69 36.85
N PHE D 127 35.96 -6.58 36.14
CA PHE D 127 36.41 -7.83 36.73
C PHE D 127 37.93 -7.84 36.92
N PRO D 128 38.39 -8.32 38.08
CA PRO D 128 39.81 -8.52 38.36
C PRO D 128 40.35 -9.75 37.62
N PRO D 129 41.68 -9.94 37.58
CA PRO D 129 42.21 -11.20 37.05
C PRO D 129 41.79 -12.39 37.91
N SER D 130 41.32 -13.45 37.27
CA SER D 130 40.96 -14.67 37.97
C SER D 130 42.21 -15.33 38.56
N SER D 131 42.00 -16.20 39.53
CA SER D 131 43.10 -16.92 40.18
C SER D 131 43.76 -17.91 39.21
N GLU D 132 43.00 -18.40 38.24
CA GLU D 132 43.54 -19.31 37.25
C GLU D 132 44.54 -18.59 36.36
N GLU D 133 44.16 -17.41 35.88
CA GLU D 133 45.02 -16.63 35.00
C GLU D 133 46.32 -16.25 35.71
N LEU D 134 46.20 -15.77 36.95
CA LEU D 134 47.37 -15.40 37.74
C LEU D 134 48.31 -16.58 37.94
N GLN D 135 47.75 -17.78 38.07
CA GLN D 135 48.55 -18.99 38.22
C GLN D 135 49.32 -19.30 36.94
N ALA D 136 48.74 -18.94 35.80
CA ALA D 136 49.42 -19.10 34.52
C ALA D 136 50.34 -17.92 34.22
N ASN D 137 50.63 -17.14 35.25
CA ASN D 137 51.54 -16.00 35.16
C ASN D 137 51.04 -14.93 34.20
N LYS D 138 49.72 -14.81 34.10
CA LYS D 138 49.09 -13.79 33.28
C LYS D 138 48.05 -13.00 34.09
N ALA D 139 47.67 -11.85 33.58
CA ALA D 139 46.70 -11.01 34.26
C ALA D 139 45.99 -10.11 33.27
N THR D 140 44.67 -10.16 33.30
CA THR D 140 43.87 -9.30 32.44
C THR D 140 42.73 -8.71 33.25
N LEU D 141 42.57 -7.40 33.15
CA LEU D 141 41.41 -6.72 33.70
C LEU D 141 40.38 -6.55 32.60
N VAL D 142 39.12 -6.74 32.93
CA VAL D 142 38.04 -6.68 31.95
C VAL D 142 37.01 -5.63 32.37
N CYS D 143 36.78 -4.64 31.50
CA CYS D 143 35.80 -3.60 31.78
C CYS D 143 34.64 -3.69 30.79
N LEU D 144 33.47 -4.06 31.27
CA LEU D 144 32.31 -4.28 30.40
C LEU D 144 31.29 -3.15 30.48
N ILE D 145 31.03 -2.55 29.32
CA ILE D 145 30.23 -1.35 29.19
C ILE D 145 28.98 -1.61 28.35
N SER D 146 27.81 -1.35 28.89
CA SER D 146 26.59 -1.64 28.16
C SER D 146 25.46 -0.65 28.44
N ASP D 147 24.41 -0.73 27.62
CA ASP D 147 23.19 0.05 27.79
C ASP D 147 23.42 1.55 27.72
N PHE D 148 24.25 1.99 26.79
CA PHE D 148 24.48 3.41 26.64
C PHE D 148 24.06 3.93 25.27
N TYR D 149 23.63 5.18 25.24
CA TYR D 149 23.28 5.88 24.02
C TYR D 149 23.48 7.37 24.20
N PRO D 150 24.12 8.04 23.23
CA PRO D 150 24.63 7.56 21.94
C PRO D 150 25.82 6.60 22.07
N GLY D 151 26.16 5.92 20.98
CA GLY D 151 27.21 4.92 20.98
C GLY D 151 28.61 5.50 20.89
N ALA D 152 28.96 6.38 21.82
CA ALA D 152 30.31 6.93 21.88
C ALA D 152 30.76 7.01 23.34
N VAL D 153 31.81 6.28 23.66
CA VAL D 153 32.37 6.26 25.01
C VAL D 153 33.87 6.43 24.96
N THR D 154 34.44 7.06 25.98
CA THR D 154 35.88 7.10 26.15
C THR D 154 36.23 6.32 27.41
N VAL D 155 37.21 5.45 27.30
CA VAL D 155 37.62 4.61 28.42
C VAL D 155 39.04 4.96 28.87
N ALA D 156 39.19 5.22 30.16
CA ALA D 156 40.50 5.48 30.75
C ALA D 156 40.78 4.50 31.90
N TRP D 157 42.05 4.10 32.03
CA TRP D 157 42.45 3.17 33.08
C TRP D 157 43.40 3.82 34.08
N LYS D 158 43.27 3.45 35.34
CA LYS D 158 44.13 3.98 36.38
C LYS D 158 44.72 2.88 37.27
N ALA D 159 46.03 2.97 37.49
CA ALA D 159 46.69 2.17 38.52
C ALA D 159 46.84 3.07 39.74
N ASP D 160 46.08 2.76 40.79
CA ASP D 160 45.84 3.69 41.89
C ASP D 160 45.25 5.00 41.35
N SER D 161 46.06 6.06 41.31
CA SER D 161 45.55 7.34 40.84
C SER D 161 46.24 7.83 39.56
N SER D 162 47.25 7.09 39.10
CA SER D 162 47.96 7.44 37.88
C SER D 162 47.35 6.73 36.67
N PRO D 163 47.24 7.43 35.53
CA PRO D 163 46.66 6.86 34.31
C PRO D 163 47.53 5.78 33.67
N VAL D 164 46.88 4.73 33.15
CA VAL D 164 47.57 3.64 32.46
C VAL D 164 47.05 3.51 31.04
N LYS D 165 47.96 3.49 30.08
CA LYS D 165 47.59 3.41 28.67
C LYS D 165 48.16 2.16 28.00
N ALA D 166 49.31 1.70 28.47
CA ALA D 166 49.96 0.52 27.92
C ALA D 166 49.17 -0.76 28.21
N GLY D 167 49.08 -1.63 27.23
CA GLY D 167 48.39 -2.90 27.38
C GLY D 167 46.87 -2.78 27.37
N VAL D 168 46.35 -1.69 26.83
CA VAL D 168 44.91 -1.46 26.77
C VAL D 168 44.37 -1.69 25.37
N GLU D 169 43.29 -2.46 25.28
CA GLU D 169 42.60 -2.67 24.02
C GLU D 169 41.10 -2.54 24.24
N THR D 170 40.45 -1.78 23.36
CA THR D 170 39.06 -1.42 23.52
C THR D 170 38.32 -1.62 22.21
N THR D 171 37.11 -2.16 22.29
CA THR D 171 36.30 -2.38 21.10
C THR D 171 35.61 -1.11 20.62
N THR D 172 35.14 -1.15 19.39
CA THR D 172 34.22 -0.14 18.87
C THR D 172 32.83 -0.44 19.44
N PRO D 173 32.11 0.60 19.89
CA PRO D 173 30.76 0.40 20.40
C PRO D 173 29.86 -0.34 19.40
N SER D 174 29.01 -1.22 19.90
CA SER D 174 28.17 -2.03 19.02
C SER D 174 26.72 -2.08 19.49
N LYS D 175 25.81 -2.11 18.53
CA LYS D 175 24.39 -2.14 18.81
C LYS D 175 23.94 -3.46 19.42
N GLN D 176 23.35 -3.38 20.61
CA GLN D 176 22.67 -4.51 21.21
C GLN D 176 21.31 -4.67 20.54
N SER D 177 20.54 -5.66 20.98
CA SER D 177 19.17 -5.80 20.51
C SER D 177 18.29 -4.79 21.25
N ASN D 178 18.85 -4.21 22.30
CA ASN D 178 18.20 -3.20 23.12
C ASN D 178 18.03 -1.87 22.41
N ASN D 179 18.61 -1.76 21.22
CA ASN D 179 18.80 -0.48 20.50
C ASN D 179 19.76 0.43 21.26
N LYS D 180 20.41 -0.12 22.29
CA LYS D 180 21.46 0.59 23.00
C LYS D 180 22.80 -0.02 22.62
N TYR D 181 23.89 0.60 23.03
CA TYR D 181 25.21 0.16 22.61
C TYR D 181 25.98 -0.57 23.72
N ALA D 182 26.98 -1.33 23.30
CA ALA D 182 27.85 -2.05 24.22
C ALA D 182 29.30 -1.93 23.74
N ALA D 183 30.23 -2.09 24.67
CA ALA D 183 31.65 -2.01 24.36
C ALA D 183 32.43 -2.73 25.46
N SER D 184 33.68 -3.08 25.19
CA SER D 184 34.52 -3.66 26.23
C SER D 184 35.96 -3.20 26.12
N SER D 185 36.66 -3.25 27.26
CA SER D 185 38.03 -2.77 27.33
C SER D 185 38.85 -3.72 28.19
N TYR D 186 40.03 -4.07 27.70
CA TYR D 186 40.89 -5.03 28.38
C TYR D 186 42.23 -4.40 28.71
N LEU D 187 42.67 -4.57 29.95
CA LEU D 187 44.00 -4.13 30.34
C LEU D 187 44.85 -5.34 30.73
N SER D 188 45.89 -5.59 29.95
CA SER D 188 46.82 -6.67 30.24
C SER D 188 47.92 -6.19 31.18
N LEU D 189 48.09 -6.93 32.25
CA LEU D 189 49.15 -6.68 33.22
C LEU D 189 49.93 -7.96 33.48
N THR D 190 51.08 -7.82 34.11
CA THR D 190 51.77 -8.94 34.73
C THR D 190 51.20 -9.12 36.13
N PRO D 191 51.31 -10.32 36.69
CA PRO D 191 50.87 -10.55 38.07
C PRO D 191 51.55 -9.61 39.08
N GLU D 192 52.82 -9.27 38.85
CA GLU D 192 53.55 -8.41 39.77
C GLU D 192 52.99 -6.98 39.77
N GLN D 193 52.70 -6.46 38.58
CA GLN D 193 52.09 -5.14 38.48
C GLN D 193 50.72 -5.12 39.14
N TRP D 194 49.97 -6.21 38.96
CA TRP D 194 48.66 -6.33 39.56
C TRP D 194 48.74 -6.32 41.09
N LYS D 195 49.75 -7.01 41.63
CA LYS D 195 49.91 -7.13 43.08
C LYS D 195 50.66 -5.96 43.71
N SER D 196 51.35 -5.17 42.90
CA SER D 196 52.14 -4.04 43.41
C SER D 196 51.24 -2.89 43.82
N HIS D 197 50.34 -2.50 42.92
CA HIS D 197 49.36 -1.48 43.21
C HIS D 197 48.26 -2.05 44.08
N ARG D 198 47.55 -1.19 44.79
CA ARG D 198 46.49 -1.65 45.69
C ARG D 198 45.12 -1.43 45.08
N SER D 199 45.08 -0.83 43.89
CA SER D 199 43.82 -0.56 43.22
C SER D 199 44.00 -0.29 41.73
N TYR D 200 43.06 -0.81 40.93
CA TYR D 200 42.97 -0.46 39.52
C TYR D 200 41.56 0.04 39.26
N SER D 201 41.44 1.02 38.37
CA SER D 201 40.15 1.62 38.09
C SER D 201 39.89 1.65 36.60
N CYS D 202 38.62 1.50 36.25
CA CYS D 202 38.15 1.67 34.88
C CYS D 202 37.13 2.79 34.90
N GLN D 203 37.37 3.81 34.08
CA GLN D 203 36.59 5.04 34.12
C GLN D 203 36.00 5.34 32.76
N VAL D 204 34.67 5.32 32.69
CA VAL D 204 33.97 5.45 31.41
C VAL D 204 33.30 6.80 31.28
N THR D 205 33.63 7.52 30.20
CA THR D 205 33.10 8.85 29.96
C THR D 205 32.11 8.85 28.82
N HIS D 206 30.91 9.36 29.10
CA HIS D 206 29.82 9.33 28.16
C HIS D 206 29.05 10.64 28.23
N GLU D 207 29.08 11.40 27.14
CA GLU D 207 28.41 12.70 27.06
C GLU D 207 28.75 13.60 28.24
N GLY D 208 30.02 13.64 28.60
CA GLY D 208 30.50 14.58 29.61
C GLY D 208 30.43 14.05 31.03
N SER D 209 29.70 12.96 31.24
CA SER D 209 29.60 12.35 32.56
C SER D 209 30.43 11.09 32.64
N THR D 210 30.84 10.75 33.86
CA THR D 210 31.78 9.67 34.09
C THR D 210 31.26 8.63 35.07
N VAL D 211 31.41 7.36 34.72
CA VAL D 211 31.19 6.25 35.65
C VAL D 211 32.51 5.52 35.88
N GLU D 212 32.82 5.24 37.14
CA GLU D 212 34.06 4.55 37.47
C GLU D 212 33.84 3.35 38.37
N LYS D 213 34.46 2.22 38.01
CA LYS D 213 34.49 1.05 38.87
C LYS D 213 35.91 0.77 39.31
N THR D 214 36.05 0.27 40.53
CA THR D 214 37.38 0.02 41.08
C THR D 214 37.49 -1.43 41.54
N VAL D 215 38.67 -2.00 41.36
CA VAL D 215 38.89 -3.40 41.68
C VAL D 215 40.27 -3.55 42.30
N ALA D 216 40.39 -4.48 43.26
CA ALA D 216 41.60 -4.59 44.07
C ALA D 216 42.01 -6.05 44.28
N PRO D 217 43.34 -6.28 44.42
CA PRO D 217 43.89 -7.61 44.71
C PRO D 217 43.42 -8.18 46.04
N THR D 218 42.77 -9.34 45.98
CA THR D 218 42.26 -10.00 47.19
C THR D 218 43.34 -10.83 47.87
#